data_4ID9
#
_entry.id   4ID9
#
_cell.length_a   52.356
_cell.length_b   74.426
_cell.length_c   95.341
_cell.angle_alpha   90.000
_cell.angle_beta   97.100
_cell.angle_gamma   90.000
#
_symmetry.space_group_name_H-M   'P 1 21 1'
#
loop_
_entity.id
_entity.type
_entity.pdbx_description
1 polymer 'SHORT-CHAIN DEHYDROGENASE/REDUCTASE'
2 non-polymer ALANINE
3 non-polymer 'CHLORIDE ION'
4 non-polymer NICOTINAMIDE-ADENINE-DINUCLEOTIDE
5 water water
#
_entity_poly.entity_id   1
_entity_poly.type   'polypeptide(L)'
_entity_poly.pdbx_seq_one_letter_code
;MGSSHHHHHHSSGLVPRGSHMILVTGSAGRVGRAVVAALRTQGRTVRGFDLRPSGTGGEEVVGSLEDGQALSDAIMGVSA
VLHLGAFMSWAPADRDRMFAVNVEGTRRLLDAASAAGVRRFVFASSGEVYPENRPEFLPVTEDHPLCPNSPYGLTKLLGE
ELVRFHQRSGAMETVILRFSHTQDATELLDEDSFFSGPRFFLRPRIHQQQNFGNAAIAELLQSRDIGEPSHILARNENGR
PFRMHITDTRDMVAGILLALDHPEAAGGTFNLGADEPADFAALLPKIAALTGLPIVTVDFPGDGVYYHTSNERIRNTLGF
EAEWTMDRMLEEAATARRQRLAKEQRR
;
_entity_poly.pdbx_strand_id   A,B
#
# COMPACT_ATOMS: atom_id res chain seq x y z
N MET A 21 0.66 -16.26 25.52
CA MET A 21 -0.15 -16.87 24.47
C MET A 21 0.28 -16.37 23.09
N ILE A 22 0.78 -17.28 22.26
CA ILE A 22 1.17 -16.98 20.89
C ILE A 22 0.08 -17.38 19.91
N LEU A 23 -0.38 -16.40 19.13
CA LEU A 23 -1.34 -16.65 18.07
C LEU A 23 -0.62 -16.85 16.73
N VAL A 24 -0.88 -17.99 16.09
CA VAL A 24 -0.30 -18.26 14.78
C VAL A 24 -1.42 -18.38 13.76
N THR A 25 -1.51 -17.40 12.86
CA THR A 25 -2.49 -17.50 11.78
C THR A 25 -1.89 -18.34 10.67
N GLY A 26 -2.75 -18.96 9.85
CA GLY A 26 -2.25 -19.87 8.84
C GLY A 26 -1.72 -21.15 9.44
N SER A 27 -2.16 -21.48 10.64
CA SER A 27 -1.66 -22.63 11.39
C SER A 27 -1.99 -24.02 10.82
N ALA A 28 -2.82 -24.09 9.79
CA ALA A 28 -3.06 -25.38 9.14
C ALA A 28 -2.22 -25.49 7.87
N GLY A 29 -1.53 -24.41 7.51
CA GLY A 29 -0.72 -24.40 6.30
C GLY A 29 0.68 -24.96 6.49
N ARG A 30 1.46 -25.01 5.42
CA ARG A 30 2.79 -25.66 5.42
C ARG A 30 3.70 -25.14 6.53
N VAL A 31 3.91 -23.83 6.55
CA VAL A 31 4.84 -23.27 7.51
C VAL A 31 4.18 -23.11 8.87
N GLY A 32 2.94 -22.63 8.88
CA GLY A 32 2.21 -22.45 10.13
C GLY A 32 2.06 -23.70 11.00
N ARG A 33 1.71 -24.82 10.41
N ARG A 33 1.70 -24.82 10.40
CA ARG A 33 1.54 -26.04 11.22
CA ARG A 33 1.55 -26.04 11.19
C ARG A 33 2.87 -26.46 11.83
C ARG A 33 2.87 -26.46 11.82
N ALA A 34 3.97 -26.22 11.10
CA ALA A 34 5.30 -26.56 11.58
C ALA A 34 5.73 -25.64 12.72
N VAL A 35 5.39 -24.36 12.59
CA VAL A 35 5.70 -23.41 13.64
C VAL A 35 4.95 -23.75 14.91
N VAL A 36 3.64 -24.01 14.76
CA VAL A 36 2.82 -24.40 15.91
C VAL A 36 3.36 -25.67 16.56
N ALA A 37 3.70 -26.67 15.74
CA ALA A 37 4.26 -27.92 16.27
C ALA A 37 5.54 -27.66 17.06
N ALA A 38 6.42 -26.82 16.51
CA ALA A 38 7.69 -26.55 17.17
C ALA A 38 7.48 -25.85 18.50
N LEU A 39 6.57 -24.88 18.52
CA LEU A 39 6.31 -24.15 19.75
C LEU A 39 5.67 -25.03 20.82
N ARG A 40 4.73 -25.88 20.40
CA ARG A 40 4.04 -26.77 21.34
C ARG A 40 4.97 -27.82 21.92
N THR A 41 5.88 -28.32 21.11
CA THR A 41 6.87 -29.29 21.56
C THR A 41 7.75 -28.67 22.65
N GLN A 42 7.97 -27.37 22.54
CA GLN A 42 8.73 -26.63 23.55
C GLN A 42 7.91 -26.37 24.81
N GLY A 43 6.61 -26.57 24.72
CA GLY A 43 5.74 -26.41 25.87
C GLY A 43 5.20 -25.00 25.98
N ARG A 44 5.22 -24.27 24.87
CA ARG A 44 4.67 -22.92 24.83
C ARG A 44 3.18 -22.96 24.62
N THR A 45 2.51 -21.89 25.04
CA THR A 45 1.07 -21.76 24.89
C THR A 45 0.76 -21.11 23.55
N VAL A 46 0.12 -21.87 22.66
CA VAL A 46 -0.17 -21.43 21.29
C VAL A 46 -1.65 -21.57 20.96
N ARG A 47 -2.18 -20.60 20.22
CA ARG A 47 -3.50 -20.70 19.64
C ARG A 47 -3.37 -20.61 18.12
N GLY A 48 -3.94 -21.57 17.41
CA GLY A 48 -4.00 -21.50 15.95
C GLY A 48 -5.16 -20.64 15.45
N PHE A 49 -5.13 -20.29 14.17
CA PHE A 49 -6.18 -19.53 13.53
C PHE A 49 -6.07 -19.76 12.03
N ASP A 50 -7.05 -20.43 11.45
CA ASP A 50 -6.98 -20.82 10.04
C ASP A 50 -8.39 -21.11 9.56
N LEU A 51 -8.63 -20.98 8.25
CA LEU A 51 -9.92 -21.32 7.68
C LEU A 51 -10.22 -22.80 7.90
N ARG A 52 -9.15 -23.59 7.97
CA ARG A 52 -9.25 -25.05 8.11
C ARG A 52 -8.74 -25.51 9.47
N PRO A 53 -9.26 -26.66 9.98
CA PRO A 53 -8.68 -27.26 11.18
C PRO A 53 -7.31 -27.79 10.82
N SER A 54 -6.40 -27.90 11.79
CA SER A 54 -5.07 -28.43 11.54
C SER A 54 -5.06 -29.94 11.53
N GLY A 55 -6.09 -30.54 12.11
CA GLY A 55 -6.15 -31.98 12.23
C GLY A 55 -5.34 -32.52 13.39
N THR A 56 -4.80 -31.60 14.20
CA THR A 56 -3.97 -31.96 15.36
C THR A 56 -4.75 -31.96 16.67
N GLY A 57 -5.94 -31.38 16.67
CA GLY A 57 -6.75 -31.29 17.88
C GLY A 57 -6.31 -30.22 18.87
N GLY A 58 -5.24 -29.51 18.53
CA GLY A 58 -4.72 -28.45 19.38
C GLY A 58 -5.66 -27.26 19.41
N GLU A 59 -5.43 -26.33 20.33
CA GLU A 59 -6.28 -25.14 20.42
C GLU A 59 -6.14 -24.29 19.18
N GLU A 60 -7.25 -24.04 18.50
CA GLU A 60 -7.23 -23.24 17.29
C GLU A 60 -8.61 -22.70 16.98
N VAL A 61 -8.64 -21.52 16.35
CA VAL A 61 -9.87 -20.99 15.81
C VAL A 61 -9.97 -21.47 14.38
N VAL A 62 -11.11 -22.08 14.05
CA VAL A 62 -11.41 -22.44 12.67
C VAL A 62 -12.32 -21.36 12.11
N GLY A 63 -11.76 -20.46 11.31
CA GLY A 63 -12.50 -19.31 10.87
C GLY A 63 -11.64 -18.43 10.00
N SER A 64 -12.16 -17.25 9.64
CA SER A 64 -11.52 -16.44 8.61
C SER A 64 -10.98 -15.11 9.09
N LEU A 65 -9.84 -14.71 8.53
CA LEU A 65 -9.29 -13.38 8.75
C LEU A 65 -10.23 -12.27 8.26
N GLU A 66 -11.17 -12.61 7.39
CA GLU A 66 -12.16 -11.64 6.92
C GLU A 66 -13.26 -11.39 7.95
N ASP A 67 -13.28 -12.20 9.00
CA ASP A 67 -14.36 -12.20 9.98
C ASP A 67 -13.94 -11.47 11.25
N GLY A 68 -14.55 -10.31 11.49
CA GLY A 68 -14.24 -9.51 12.67
C GLY A 68 -14.47 -10.25 13.98
N GLN A 69 -15.51 -11.07 14.05
CA GLN A 69 -15.76 -11.91 15.21
C GLN A 69 -14.61 -12.86 15.48
N ALA A 70 -14.17 -13.54 14.42
CA ALA A 70 -13.08 -14.51 14.52
C ALA A 70 -11.78 -13.83 14.94
N LEU A 71 -11.55 -12.62 14.45
CA LEU A 71 -10.36 -11.86 14.84
C LEU A 71 -10.41 -11.52 16.32
N SER A 72 -11.59 -11.13 16.81
CA SER A 72 -11.75 -10.80 18.22
C SER A 72 -11.48 -12.01 19.11
N ASP A 73 -12.05 -13.16 18.76
CA ASP A 73 -11.84 -14.39 19.52
C ASP A 73 -10.39 -14.86 19.49
N ALA A 74 -9.75 -14.71 18.34
CA ALA A 74 -8.39 -15.20 18.18
C ALA A 74 -7.38 -14.36 18.96
N ILE A 75 -7.64 -13.06 19.09
CA ILE A 75 -6.66 -12.14 19.68
C ILE A 75 -6.74 -12.09 21.20
N MET A 76 -7.82 -12.61 21.78
CA MET A 76 -8.02 -12.55 23.23
C MET A 76 -6.88 -13.16 24.05
N GLY A 77 -6.29 -12.35 24.93
CA GLY A 77 -5.23 -12.81 25.81
C GLY A 77 -3.91 -13.09 25.12
N VAL A 78 -3.78 -12.65 23.87
CA VAL A 78 -2.59 -12.95 23.06
C VAL A 78 -1.47 -11.94 23.29
N SER A 79 -0.23 -12.42 23.38
CA SER A 79 0.93 -11.56 23.63
C SER A 79 1.84 -11.44 22.43
N ALA A 80 1.79 -12.42 21.53
CA ALA A 80 2.54 -12.33 20.30
C ALA A 80 1.73 -12.92 19.17
N VAL A 81 1.93 -12.39 17.98
CA VAL A 81 1.24 -12.87 16.78
C VAL A 81 2.26 -13.23 15.72
N LEU A 82 2.16 -14.46 15.21
CA LEU A 82 2.89 -14.84 14.01
C LEU A 82 1.88 -14.93 12.88
N HIS A 83 1.94 -13.96 11.98
CA HIS A 83 0.89 -13.83 10.97
C HIS A 83 1.28 -14.44 9.64
N LEU A 84 0.94 -15.72 9.50
CA LEU A 84 1.34 -16.50 8.35
C LEU A 84 0.16 -16.81 7.43
N GLY A 85 -1.07 -16.58 7.88
CA GLY A 85 -2.23 -16.87 7.05
C GLY A 85 -2.37 -15.91 5.88
N ALA A 86 -2.57 -16.45 4.69
CA ALA A 86 -2.77 -15.64 3.50
C ALA A 86 -3.31 -16.51 2.38
N PHE A 87 -3.85 -15.86 1.36
CA PHE A 87 -4.43 -16.57 0.24
C PHE A 87 -3.70 -16.20 -1.05
N MET A 88 -3.39 -17.22 -1.85
CA MET A 88 -2.76 -16.97 -3.13
C MET A 88 -3.56 -17.60 -4.28
N SER A 89 -3.80 -16.81 -5.32
CA SER A 89 -4.43 -17.36 -6.52
C SER A 89 -4.05 -16.59 -7.76
N TRP A 90 -3.99 -17.31 -8.88
CA TRP A 90 -3.59 -16.76 -10.16
C TRP A 90 -4.82 -16.40 -10.98
N ALA A 91 -5.97 -16.83 -10.51
CA ALA A 91 -7.25 -16.59 -11.18
C ALA A 91 -7.81 -15.21 -10.85
N PRO A 92 -8.24 -14.47 -11.88
CA PRO A 92 -8.83 -13.14 -11.66
C PRO A 92 -10.10 -13.19 -10.81
N ALA A 93 -10.84 -14.29 -10.86
CA ALA A 93 -12.07 -14.40 -10.08
C ALA A 93 -11.74 -14.44 -8.58
N ASP A 94 -10.51 -14.80 -8.27
CA ASP A 94 -10.07 -14.96 -6.89
C ASP A 94 -9.35 -13.71 -6.35
N ARG A 95 -9.18 -12.71 -7.20
CA ARG A 95 -8.38 -11.53 -6.82
C ARG A 95 -9.01 -10.70 -5.69
N ASP A 96 -10.33 -10.50 -5.75
CA ASP A 96 -11.00 -9.76 -4.68
C ASP A 96 -10.73 -10.43 -3.34
N ARG A 97 -10.88 -11.75 -3.29
CA ARG A 97 -10.63 -12.48 -2.04
C ARG A 97 -9.17 -12.36 -1.58
N MET A 98 -8.24 -12.47 -2.51
CA MET A 98 -6.83 -12.34 -2.17
C MET A 98 -6.57 -11.00 -1.48
N PHE A 99 -7.14 -9.93 -2.01
CA PHE A 99 -6.99 -8.63 -1.36
C PHE A 99 -7.71 -8.56 -0.01
N ALA A 100 -8.90 -9.15 0.07
CA ALA A 100 -9.66 -9.13 1.31
C ALA A 100 -8.92 -9.85 2.43
N VAL A 101 -8.35 -11.01 2.11
CA VAL A 101 -7.61 -11.79 3.10
C VAL A 101 -6.25 -11.20 3.41
N ASN A 102 -5.50 -10.85 2.38
CA ASN A 102 -4.10 -10.49 2.57
C ASN A 102 -3.89 -9.05 3.01
N VAL A 103 -4.75 -8.16 2.53
CA VAL A 103 -4.61 -6.73 2.84
C VAL A 103 -5.58 -6.32 3.94
N GLU A 104 -6.88 -6.40 3.68
CA GLU A 104 -7.86 -6.03 4.71
C GLU A 104 -7.75 -6.88 5.95
N GLY A 105 -7.54 -8.20 5.79
CA GLY A 105 -7.43 -9.06 6.95
C GLY A 105 -6.24 -8.70 7.80
N THR A 106 -5.12 -8.41 7.14
CA THR A 106 -3.90 -8.00 7.84
C THR A 106 -4.11 -6.68 8.56
N ARG A 107 -4.76 -5.74 7.89
CA ARG A 107 -5.04 -4.44 8.50
C ARG A 107 -5.82 -4.58 9.79
N ARG A 108 -6.90 -5.37 9.75
CA ARG A 108 -7.76 -5.53 10.90
C ARG A 108 -7.09 -6.34 12.00
N LEU A 109 -6.29 -7.32 11.63
CA LEU A 109 -5.55 -8.12 12.59
C LEU A 109 -4.52 -7.27 13.33
N LEU A 110 -3.81 -6.42 12.58
CA LEU A 110 -2.85 -5.49 13.18
C LEU A 110 -3.52 -4.57 14.20
N ASP A 111 -4.65 -3.99 13.83
CA ASP A 111 -5.38 -3.09 14.72
C ASP A 111 -5.87 -3.82 15.96
N ALA A 112 -6.38 -5.03 15.77
CA ALA A 112 -6.85 -5.85 16.88
C ALA A 112 -5.71 -6.20 17.83
N ALA A 113 -4.58 -6.62 17.28
CA ALA A 113 -3.41 -6.95 18.07
C ALA A 113 -2.91 -5.75 18.86
N SER A 114 -2.80 -4.61 18.20
CA SER A 114 -2.33 -3.39 18.86
C SER A 114 -3.23 -2.98 20.01
N ALA A 115 -4.54 -3.04 19.79
CA ALA A 115 -5.49 -2.64 20.82
C ALA A 115 -5.49 -3.59 22.01
N ALA A 116 -5.14 -4.85 21.75
CA ALA A 116 -5.11 -5.88 22.78
C ALA A 116 -3.79 -5.90 23.55
N GLY A 117 -2.86 -5.02 23.16
CA GLY A 117 -1.57 -4.93 23.82
C GLY A 117 -0.59 -6.03 23.45
N VAL A 118 -0.68 -6.52 22.22
CA VAL A 118 0.25 -7.53 21.75
C VAL A 118 1.66 -6.94 21.75
N ARG A 119 2.64 -7.75 22.15
CA ARG A 119 3.99 -7.25 22.37
C ARG A 119 4.80 -7.26 21.08
N ARG A 120 4.64 -8.32 20.29
CA ARG A 120 5.34 -8.42 19.01
C ARG A 120 4.47 -9.06 17.94
N PHE A 121 4.53 -8.50 16.74
CA PHE A 121 3.76 -9.00 15.59
C PHE A 121 4.74 -9.35 14.47
N VAL A 122 4.86 -10.64 14.15
CA VAL A 122 5.71 -11.05 13.04
C VAL A 122 4.86 -11.27 11.80
N PHE A 123 5.23 -10.63 10.69
CA PHE A 123 4.51 -10.73 9.42
C PHE A 123 5.26 -11.56 8.39
N ALA A 124 4.58 -12.55 7.81
CA ALA A 124 5.15 -13.31 6.71
C ALA A 124 4.92 -12.57 5.41
N SER A 125 6.00 -12.02 4.86
CA SER A 125 5.95 -11.45 3.52
C SER A 125 6.60 -12.41 2.52
N SER A 126 7.00 -11.90 1.36
CA SER A 126 7.44 -12.72 0.25
C SER A 126 8.49 -12.02 -0.58
N GLY A 127 9.37 -12.79 -1.19
CA GLY A 127 10.30 -12.23 -2.17
C GLY A 127 9.59 -11.66 -3.39
N GLU A 128 8.29 -11.90 -3.51
N GLU A 128 8.30 -11.92 -3.51
CA GLU A 128 7.54 -11.35 -4.63
CA GLU A 128 7.49 -11.36 -4.59
C GLU A 128 7.31 -9.85 -4.47
C GLU A 128 7.34 -9.84 -4.48
N VAL A 129 7.68 -9.29 -3.32
CA VAL A 129 7.59 -7.82 -3.14
C VAL A 129 8.67 -7.08 -3.92
N TYR A 130 9.73 -7.79 -4.32
CA TYR A 130 10.86 -7.13 -4.96
C TYR A 130 10.65 -6.76 -6.44
N PRO A 131 10.35 -7.73 -7.32
CA PRO A 131 10.17 -9.17 -7.15
C PRO A 131 11.43 -9.92 -7.48
N GLU A 132 11.58 -11.11 -6.88
CA GLU A 132 12.70 -11.98 -7.20
C GLU A 132 12.69 -12.43 -8.65
N ASN A 133 11.52 -12.44 -9.27
CA ASN A 133 11.40 -12.87 -10.67
C ASN A 133 11.83 -11.81 -11.67
N ARG A 134 12.15 -10.61 -11.19
CA ARG A 134 12.69 -9.55 -12.04
C ARG A 134 13.56 -8.61 -11.21
N PRO A 135 14.71 -9.11 -10.76
CA PRO A 135 15.58 -8.33 -9.88
C PRO A 135 16.29 -7.21 -10.62
N GLU A 136 16.58 -6.13 -9.90
CA GLU A 136 17.32 -5.00 -10.47
C GLU A 136 18.81 -5.18 -10.25
N PHE A 137 19.16 -5.92 -9.22
CA PHE A 137 20.53 -6.28 -8.94
C PHE A 137 20.60 -7.58 -8.15
N LEU A 138 21.76 -8.22 -8.17
CA LEU A 138 21.96 -9.46 -7.43
C LEU A 138 23.22 -9.34 -6.58
N PRO A 139 23.22 -9.97 -5.38
CA PRO A 139 22.07 -10.64 -4.79
C PRO A 139 21.03 -9.66 -4.28
N VAL A 140 19.78 -10.10 -4.20
CA VAL A 140 18.73 -9.22 -3.72
C VAL A 140 18.82 -9.01 -2.21
N THR A 141 19.04 -7.76 -1.80
CA THR A 141 19.11 -7.39 -0.39
C THR A 141 17.81 -6.71 0.05
N GLU A 142 17.64 -6.50 1.34
CA GLU A 142 16.40 -5.90 1.87
C GLU A 142 16.12 -4.48 1.34
N ASP A 143 17.17 -3.80 0.90
CA ASP A 143 17.04 -2.43 0.41
C ASP A 143 16.80 -2.39 -1.10
N HIS A 144 16.62 -3.56 -1.70
CA HIS A 144 16.23 -3.64 -3.10
C HIS A 144 14.87 -2.95 -3.20
N PRO A 145 14.62 -2.21 -4.30
CA PRO A 145 13.29 -1.57 -4.45
C PRO A 145 12.15 -2.58 -4.35
N LEU A 146 10.98 -2.10 -3.96
CA LEU A 146 9.81 -2.96 -3.83
C LEU A 146 8.84 -2.68 -4.95
N CYS A 147 8.99 -3.41 -6.06
CA CYS A 147 8.17 -3.19 -7.23
C CYS A 147 7.52 -4.48 -7.74
N PRO A 148 6.57 -5.02 -6.97
CA PRO A 148 5.94 -6.32 -7.31
C PRO A 148 5.28 -6.28 -8.69
N ASN A 149 5.34 -7.40 -9.41
CA ASN A 149 4.68 -7.52 -10.71
C ASN A 149 3.55 -8.56 -10.74
N SER A 150 3.23 -9.14 -9.58
CA SER A 150 2.06 -10.03 -9.48
C SER A 150 1.08 -9.47 -8.47
N PRO A 151 -0.22 -9.73 -8.67
CA PRO A 151 -1.19 -9.26 -7.67
C PRO A 151 -0.89 -9.81 -6.28
N TYR A 152 -0.46 -11.06 -6.17
CA TYR A 152 -0.04 -11.58 -4.87
C TYR A 152 1.11 -10.74 -4.27
N GLY A 153 2.14 -10.45 -5.07
CA GLY A 153 3.26 -9.67 -4.60
C GLY A 153 2.78 -8.31 -4.13
N LEU A 154 1.83 -7.74 -4.86
CA LEU A 154 1.23 -6.46 -4.47
C LEU A 154 0.53 -6.55 -3.12
N THR A 155 -0.20 -7.63 -2.87
CA THR A 155 -0.86 -7.77 -1.57
C THR A 155 0.15 -7.85 -0.43
N LYS A 156 1.29 -8.49 -0.67
CA LYS A 156 2.28 -8.57 0.41
C LYS A 156 2.98 -7.22 0.63
N LEU A 157 3.18 -6.46 -0.44
CA LEU A 157 3.75 -5.12 -0.27
C LEU A 157 2.81 -4.23 0.53
N LEU A 158 1.52 -4.27 0.20
CA LEU A 158 0.56 -3.45 0.95
C LEU A 158 0.52 -3.90 2.39
N GLY A 159 0.60 -5.22 2.63
CA GLY A 159 0.65 -5.74 3.98
C GLY A 159 1.86 -5.23 4.72
N GLU A 160 3.00 -5.15 4.03
CA GLU A 160 4.24 -4.66 4.65
C GLU A 160 4.08 -3.21 5.06
N GLU A 161 3.40 -2.43 4.22
CA GLU A 161 3.18 -1.02 4.54
C GLU A 161 2.26 -0.85 5.75
N LEU A 162 1.25 -1.72 5.88
CA LEU A 162 0.41 -1.73 7.05
C LEU A 162 1.24 -2.02 8.29
N VAL A 163 2.14 -3.02 8.20
CA VAL A 163 3.02 -3.33 9.32
C VAL A 163 3.94 -2.16 9.67
N ARG A 164 4.54 -1.55 8.64
CA ARG A 164 5.44 -0.41 8.86
C ARG A 164 4.71 0.74 9.55
N PHE A 165 3.44 0.92 9.21
CA PHE A 165 2.65 1.98 9.82
C PHE A 165 2.55 1.74 11.32
N HIS A 166 2.32 0.49 11.71
CA HIS A 166 2.28 0.15 13.12
C HIS A 166 3.64 0.22 13.79
N GLN A 167 4.68 -0.20 13.08
CA GLN A 167 6.04 -0.15 13.61
C GLN A 167 6.36 1.28 14.05
N ARG A 168 6.08 2.24 13.20
CA ARG A 168 6.39 3.64 13.49
C ARG A 168 5.49 4.26 14.55
N SER A 169 4.24 3.79 14.64
CA SER A 169 3.21 4.54 15.36
C SER A 169 2.85 4.02 16.75
N GLY A 170 3.02 2.71 16.98
CA GLY A 170 2.60 2.12 18.24
C GLY A 170 3.71 1.48 19.05
N ALA A 171 3.34 0.92 20.20
CA ALA A 171 4.31 0.29 21.09
C ALA A 171 4.51 -1.17 20.73
N MET A 172 3.61 -1.69 19.89
CA MET A 172 3.72 -3.08 19.42
C MET A 172 4.95 -3.23 18.54
N GLU A 173 5.83 -4.17 18.88
CA GLU A 173 6.99 -4.45 18.06
C GLU A 173 6.56 -5.16 16.78
N THR A 174 7.27 -4.92 15.68
CA THR A 174 6.98 -5.65 14.45
C THR A 174 8.23 -6.28 13.86
N VAL A 175 8.05 -7.38 13.12
CA VAL A 175 9.14 -7.95 12.33
C VAL A 175 8.55 -8.34 11.00
N ILE A 176 9.22 -7.96 9.91
CA ILE A 176 8.80 -8.36 8.58
C ILE A 176 9.78 -9.40 8.06
N LEU A 177 9.27 -10.58 7.72
CA LEU A 177 10.12 -11.63 7.18
C LEU A 177 9.73 -11.91 5.74
N ARG A 178 10.63 -11.64 4.79
CA ARG A 178 10.35 -11.95 3.38
C ARG A 178 10.74 -13.39 3.11
N PHE A 179 9.74 -14.25 2.90
CA PHE A 179 9.99 -15.69 2.81
C PHE A 179 10.56 -16.12 1.48
N SER A 180 11.54 -17.01 1.53
CA SER A 180 11.92 -17.79 0.36
C SER A 180 10.76 -18.72 0.00
N HIS A 181 10.68 -19.12 -1.27
CA HIS A 181 9.84 -20.26 -1.58
C HIS A 181 10.21 -21.38 -0.62
N THR A 182 9.20 -22.00 -0.02
CA THR A 182 9.40 -22.93 1.07
C THR A 182 8.72 -24.25 0.73
N GLN A 183 9.40 -25.37 0.98
CA GLN A 183 8.85 -26.71 0.80
C GLN A 183 9.19 -27.63 1.97
N ASP A 184 8.28 -28.54 2.31
CA ASP A 184 8.68 -29.68 3.12
C ASP A 184 9.60 -30.53 2.25
N ALA A 185 10.64 -31.11 2.84
CA ALA A 185 11.58 -31.93 2.07
C ALA A 185 10.85 -32.97 1.23
N THR A 186 9.84 -33.60 1.80
CA THR A 186 9.15 -34.70 1.12
C THR A 186 8.44 -34.27 -0.16
N GLU A 187 8.10 -32.99 -0.28
CA GLU A 187 7.39 -32.54 -1.47
C GLU A 187 8.25 -32.58 -2.72
N LEU A 188 9.57 -32.46 -2.55
CA LEU A 188 10.48 -32.21 -3.67
C LEU A 188 10.40 -33.25 -4.77
N LEU A 189 10.28 -34.53 -4.38
CA LEU A 189 10.25 -35.61 -5.35
C LEU A 189 8.86 -36.26 -5.45
N ASP A 190 7.83 -35.46 -5.17
CA ASP A 190 6.45 -35.92 -5.27
C ASP A 190 5.78 -35.27 -6.48
N GLU A 191 5.46 -36.08 -7.48
CA GLU A 191 4.79 -35.60 -8.68
C GLU A 191 3.51 -34.86 -8.34
N ASP A 192 2.86 -35.25 -7.24
CA ASP A 192 1.55 -34.69 -6.89
C ASP A 192 1.57 -33.48 -5.98
N SER A 193 2.77 -33.03 -5.58
CA SER A 193 2.85 -31.82 -4.76
C SER A 193 2.49 -30.60 -5.60
N PHE A 194 1.99 -29.55 -4.94
CA PHE A 194 1.45 -28.40 -5.63
C PHE A 194 2.50 -27.58 -6.38
N PHE A 195 3.67 -27.41 -5.77
CA PHE A 195 4.75 -26.63 -6.38
C PHE A 195 5.85 -27.49 -7.01
N SER A 196 6.31 -28.49 -6.27
CA SER A 196 7.47 -29.26 -6.71
C SER A 196 7.14 -30.24 -7.83
N GLY A 197 5.91 -30.75 -7.85
CA GLY A 197 5.46 -31.59 -8.95
C GLY A 197 5.68 -30.93 -10.30
N PRO A 198 5.03 -29.77 -10.53
CA PRO A 198 5.23 -29.07 -11.80
C PRO A 198 6.63 -28.53 -11.97
N ARG A 199 7.32 -28.21 -10.87
CA ARG A 199 8.64 -27.60 -10.97
C ARG A 199 9.65 -28.57 -11.60
N PHE A 200 9.52 -29.84 -11.25
CA PHE A 200 10.55 -30.83 -11.60
C PHE A 200 10.06 -31.98 -12.47
N PHE A 201 8.75 -32.11 -12.64
CA PHE A 201 8.25 -33.21 -13.48
C PHE A 201 7.43 -32.67 -14.65
N LEU A 202 7.73 -33.16 -15.86
CA LEU A 202 7.13 -32.60 -17.07
C LEU A 202 5.61 -32.74 -17.13
N ARG A 203 5.09 -33.93 -16.91
CA ARG A 203 3.65 -34.14 -17.04
C ARG A 203 2.82 -33.39 -15.99
N PRO A 204 3.24 -33.41 -14.71
CA PRO A 204 2.55 -32.57 -13.76
C PRO A 204 2.57 -31.08 -14.15
N ARG A 205 3.63 -30.62 -14.79
CA ARG A 205 3.72 -29.23 -15.24
C ARG A 205 2.75 -28.96 -16.39
N ILE A 206 2.62 -29.93 -17.29
CA ILE A 206 1.62 -29.81 -18.36
C ILE A 206 0.23 -29.64 -17.76
N HIS A 207 -0.10 -30.47 -16.79
CA HIS A 207 -1.41 -30.43 -16.14
C HIS A 207 -1.66 -29.10 -15.44
N GLN A 208 -0.63 -28.60 -14.75
N GLN A 208 -0.63 -28.61 -14.75
CA GLN A 208 -0.74 -27.32 -14.05
CA GLN A 208 -0.70 -27.33 -14.05
C GLN A 208 -0.99 -26.18 -15.02
C GLN A 208 -0.98 -26.18 -15.01
N GLN A 209 -0.25 -26.17 -16.12
CA GLN A 209 -0.39 -25.11 -17.11
C GLN A 209 -1.73 -25.19 -17.79
N GLN A 210 -2.23 -26.40 -18.01
CA GLN A 210 -3.56 -26.59 -18.56
C GLN A 210 -4.63 -26.05 -17.60
N ASN A 211 -4.49 -26.34 -16.31
CA ASN A 211 -5.47 -25.91 -15.33
C ASN A 211 -5.42 -24.41 -15.06
N PHE A 212 -4.31 -23.79 -15.43
CA PHE A 212 -4.15 -22.34 -15.35
C PHE A 212 -4.76 -21.66 -16.58
N GLY A 213 -4.93 -22.43 -17.65
CA GLY A 213 -5.45 -21.88 -18.89
C GLY A 213 -4.34 -21.38 -19.81
N ASN A 214 -3.09 -21.66 -19.44
CA ASN A 214 -1.97 -21.32 -20.31
C ASN A 214 -1.81 -22.38 -21.39
N ALA A 215 -2.79 -22.42 -22.27
CA ALA A 215 -2.91 -23.51 -23.26
C ALA A 215 -1.71 -23.62 -24.20
N ALA A 216 -1.16 -22.48 -24.60
CA ALA A 216 -0.04 -22.47 -25.54
C ALA A 216 1.28 -22.92 -24.91
N ILE A 217 1.47 -22.65 -23.63
CA ILE A 217 2.64 -23.15 -22.91
C ILE A 217 2.48 -24.65 -22.66
N ALA A 218 1.27 -25.05 -22.29
CA ALA A 218 0.96 -26.47 -22.12
C ALA A 218 1.29 -27.26 -23.37
N GLU A 219 0.99 -26.68 -24.53
CA GLU A 219 1.27 -27.30 -25.82
C GLU A 219 2.77 -27.42 -26.10
N LEU A 220 3.54 -26.39 -25.73
CA LEU A 220 4.99 -26.46 -25.85
C LEU A 220 5.52 -27.63 -25.02
N LEU A 221 5.11 -27.68 -23.76
CA LEU A 221 5.53 -28.75 -22.87
C LEU A 221 5.15 -30.12 -23.42
N GLN A 222 3.91 -30.25 -23.87
CA GLN A 222 3.43 -31.49 -24.47
C GLN A 222 4.28 -31.93 -25.67
N SER A 223 4.76 -30.96 -26.43
CA SER A 223 5.57 -31.26 -27.62
C SER A 223 6.94 -31.79 -27.24
N ARG A 224 7.31 -31.65 -25.96
CA ARG A 224 8.60 -32.09 -25.48
C ARG A 224 8.53 -33.44 -24.78
N ASP A 225 7.31 -33.93 -24.56
CA ASP A 225 7.13 -35.22 -23.91
C ASP A 225 7.79 -36.32 -24.73
N ILE A 226 8.52 -37.20 -24.06
CA ILE A 226 9.28 -38.24 -24.75
C ILE A 226 8.60 -39.61 -24.69
N GLY A 227 7.32 -39.63 -24.32
CA GLY A 227 6.55 -40.86 -24.40
C GLY A 227 6.60 -41.72 -23.14
N GLU A 228 7.27 -41.19 -22.11
CA GLU A 228 7.27 -41.79 -20.78
C GLU A 228 7.43 -40.62 -19.82
N PRO A 229 7.06 -40.80 -18.54
CA PRO A 229 7.26 -39.71 -17.58
C PRO A 229 8.71 -39.27 -17.50
N SER A 230 8.91 -37.97 -17.34
CA SER A 230 10.25 -37.41 -17.29
C SER A 230 10.30 -36.24 -16.33
N HIS A 231 11.51 -35.88 -15.91
CA HIS A 231 11.73 -34.59 -15.27
C HIS A 231 11.80 -33.51 -16.32
N ILE A 232 11.57 -32.28 -15.86
CA ILE A 232 11.81 -31.10 -16.69
C ILE A 232 12.95 -30.28 -16.11
N LEU A 233 13.88 -29.87 -16.98
CA LEU A 233 14.90 -28.89 -16.62
C LEU A 233 14.52 -27.60 -17.30
N ALA A 234 14.03 -26.64 -16.51
CA ALA A 234 13.52 -25.37 -17.02
C ALA A 234 14.64 -24.39 -17.29
N ARG A 235 14.68 -23.84 -18.50
CA ARG A 235 15.60 -22.76 -18.84
C ARG A 235 14.85 -21.63 -19.54
N ASN A 236 15.49 -20.47 -19.67
CA ASN A 236 14.84 -19.39 -20.41
C ASN A 236 15.05 -19.51 -21.92
N GLU A 237 14.63 -18.49 -22.67
CA GLU A 237 14.70 -18.59 -24.12
C GLU A 237 16.13 -18.59 -24.65
N ASN A 238 17.08 -18.20 -23.81
CA ASN A 238 18.50 -18.27 -24.17
C ASN A 238 19.22 -19.48 -23.58
N GLY A 239 18.44 -20.38 -22.96
CA GLY A 239 19.00 -21.60 -22.40
C GLY A 239 19.65 -21.40 -21.04
N ARG A 240 19.39 -20.27 -20.39
CA ARG A 240 19.91 -20.06 -19.04
C ARG A 240 19.03 -20.83 -18.06
N PRO A 241 19.61 -21.84 -17.39
CA PRO A 241 18.82 -22.65 -16.46
C PRO A 241 18.18 -21.79 -15.37
N PHE A 242 17.00 -22.18 -14.89
CA PHE A 242 16.37 -21.43 -13.82
C PHE A 242 17.22 -21.56 -12.57
N ARG A 243 17.17 -20.55 -11.72
CA ARG A 243 17.93 -20.51 -10.48
C ARG A 243 17.08 -19.75 -9.45
N MET A 244 16.78 -20.41 -8.33
N MET A 244 16.79 -20.39 -8.33
CA MET A 244 15.92 -19.81 -7.31
CA MET A 244 15.92 -19.81 -7.31
C MET A 244 16.21 -20.45 -5.96
C MET A 244 16.20 -20.45 -5.96
N HIS A 245 15.78 -19.78 -4.90
CA HIS A 245 15.92 -20.32 -3.56
C HIS A 245 14.73 -21.23 -3.24
N ILE A 246 15.05 -22.43 -2.78
CA ILE A 246 14.05 -23.36 -2.26
C ILE A 246 14.52 -23.75 -0.87
N THR A 247 13.77 -23.32 0.13
CA THR A 247 14.19 -23.46 1.52
C THR A 247 13.31 -24.47 2.24
N ASP A 248 13.93 -25.30 3.07
CA ASP A 248 13.19 -26.30 3.85
C ASP A 248 12.34 -25.61 4.91
N THR A 249 11.12 -26.11 5.08
CA THR A 249 10.21 -25.59 6.10
C THR A 249 10.87 -25.47 7.48
N ARG A 250 11.71 -26.45 7.82
CA ARG A 250 12.37 -26.47 9.12
C ARG A 250 13.32 -25.29 9.32
N ASP A 251 13.95 -24.81 8.24
CA ASP A 251 14.83 -23.65 8.36
C ASP A 251 13.99 -22.40 8.50
N MET A 252 12.85 -22.36 7.82
CA MET A 252 11.95 -21.21 7.95
C MET A 252 11.42 -21.13 9.38
N VAL A 253 11.08 -22.28 9.95
CA VAL A 253 10.57 -22.32 11.32
C VAL A 253 11.62 -21.81 12.28
N ALA A 254 12.87 -22.23 12.10
CA ALA A 254 13.96 -21.72 12.93
C ALA A 254 14.08 -20.20 12.87
N GLY A 255 13.97 -19.64 11.67
CA GLY A 255 14.06 -18.19 11.51
C GLY A 255 12.89 -17.48 12.15
N ILE A 256 11.72 -18.11 12.12
CA ILE A 256 10.50 -17.51 12.67
C ILE A 256 10.56 -17.45 14.21
N LEU A 257 11.08 -18.51 14.81
CA LEU A 257 11.30 -18.55 16.26
C LEU A 257 12.24 -17.43 16.67
N LEU A 258 13.30 -17.22 15.88
CA LEU A 258 14.22 -16.11 16.15
C LEU A 258 13.49 -14.78 16.06
N ALA A 259 12.65 -14.61 15.04
CA ALA A 259 11.88 -13.36 14.91
C ALA A 259 10.98 -13.15 16.12
N LEU A 260 10.48 -14.25 16.68
CA LEU A 260 9.58 -14.20 17.83
C LEU A 260 10.33 -13.81 19.11
N ASP A 261 11.50 -14.41 19.31
CA ASP A 261 12.23 -14.36 20.59
C ASP A 261 13.38 -13.35 20.65
N HIS A 262 14.06 -13.10 19.53
CA HIS A 262 15.31 -12.34 19.57
C HIS A 262 15.07 -10.84 19.76
N PRO A 263 15.72 -10.23 20.77
CA PRO A 263 15.56 -8.81 21.08
C PRO A 263 15.86 -7.92 19.88
N GLU A 264 16.79 -8.34 19.02
CA GLU A 264 17.23 -7.51 17.90
C GLU A 264 16.37 -7.68 16.64
N ALA A 265 15.33 -8.51 16.74
CA ALA A 265 14.39 -8.66 15.62
C ALA A 265 13.40 -7.50 15.58
N ALA A 266 13.19 -6.85 16.72
CA ALA A 266 12.20 -5.78 16.84
C ALA A 266 12.48 -4.65 15.86
N GLY A 267 11.45 -4.31 15.07
CA GLY A 267 11.54 -3.22 14.12
C GLY A 267 12.32 -3.62 12.88
N GLY A 268 12.58 -4.92 12.74
CA GLY A 268 13.46 -5.39 11.69
C GLY A 268 12.74 -5.88 10.45
N THR A 269 13.45 -5.87 9.33
CA THR A 269 12.96 -6.43 8.07
C THR A 269 14.04 -7.36 7.55
N PHE A 270 13.68 -8.63 7.33
CA PHE A 270 14.68 -9.64 7.00
C PHE A 270 14.25 -10.56 5.86
N ASN A 271 15.15 -10.79 4.90
CA ASN A 271 15.00 -11.93 4.01
C ASN A 271 15.24 -13.19 4.80
N LEU A 272 14.32 -14.15 4.71
CA LEU A 272 14.46 -15.43 5.41
C LEU A 272 14.46 -16.56 4.39
N GLY A 273 15.57 -17.30 4.35
CA GLY A 273 15.71 -18.41 3.43
C GLY A 273 17.11 -18.96 3.53
N ALA A 274 17.40 -19.99 2.77
CA ALA A 274 18.74 -20.58 2.76
C ALA A 274 19.72 -19.68 2.04
N ASP A 275 21.02 -19.96 2.23
CA ASP A 275 22.08 -19.09 1.76
C ASP A 275 22.13 -18.97 0.24
N GLU A 276 22.07 -20.11 -0.43
CA GLU A 276 22.30 -20.15 -1.87
C GLU A 276 21.09 -20.65 -2.65
N PRO A 277 20.85 -20.08 -3.83
CA PRO A 277 19.79 -20.59 -4.70
C PRO A 277 20.22 -21.91 -5.30
N ALA A 278 19.24 -22.69 -5.74
CA ALA A 278 19.55 -23.88 -6.51
C ALA A 278 19.59 -23.51 -7.99
N ASP A 279 20.66 -23.89 -8.67
N ASP A 279 20.66 -23.91 -8.67
CA ASP A 279 20.72 -23.76 -10.12
CA ASP A 279 20.76 -23.78 -10.12
C ASP A 279 20.19 -25.06 -10.67
C ASP A 279 20.23 -25.08 -10.72
N PHE A 280 19.18 -24.99 -11.52
CA PHE A 280 18.49 -26.18 -12.00
C PHE A 280 19.35 -27.08 -12.89
N ALA A 281 20.36 -26.51 -13.53
CA ALA A 281 21.30 -27.33 -14.32
C ALA A 281 22.13 -28.27 -13.44
N ALA A 282 22.35 -27.86 -12.20
CA ALA A 282 23.02 -28.71 -11.21
C ALA A 282 22.01 -29.57 -10.47
N LEU A 283 20.86 -29.00 -10.18
CA LEU A 283 19.85 -29.65 -9.35
C LEU A 283 19.18 -30.84 -10.05
N LEU A 284 18.80 -30.65 -11.31
CA LEU A 284 18.04 -31.68 -12.01
C LEU A 284 18.78 -33.01 -12.16
N PRO A 285 20.10 -32.97 -12.46
CA PRO A 285 20.81 -34.25 -12.50
C PRO A 285 20.84 -34.94 -11.13
N LYS A 286 20.91 -34.17 -10.05
CA LYS A 286 20.85 -34.74 -8.70
C LYS A 286 19.49 -35.39 -8.48
N ILE A 287 18.44 -34.69 -8.87
CA ILE A 287 17.08 -35.22 -8.76
C ILE A 287 16.93 -36.51 -9.58
N ALA A 288 17.42 -36.50 -10.81
CA ALA A 288 17.27 -37.68 -11.68
C ALA A 288 18.06 -38.87 -11.17
N ALA A 289 19.18 -38.60 -10.50
CA ALA A 289 19.99 -39.67 -9.91
C ALA A 289 19.22 -40.40 -8.82
N LEU A 290 18.22 -39.75 -8.24
CA LEU A 290 17.46 -40.29 -7.14
C LEU A 290 16.16 -40.98 -7.57
N THR A 291 15.63 -40.58 -8.73
CA THR A 291 14.34 -41.11 -9.19
C THR A 291 14.51 -42.11 -10.30
N GLY A 292 15.59 -41.95 -11.07
CA GLY A 292 15.82 -42.77 -12.24
C GLY A 292 15.14 -42.27 -13.50
N LEU A 293 14.37 -41.19 -13.40
CA LEU A 293 13.64 -40.69 -14.57
C LEU A 293 14.55 -39.91 -15.51
N PRO A 294 14.27 -39.94 -16.82
CA PRO A 294 15.00 -39.11 -17.78
C PRO A 294 14.68 -37.64 -17.60
N ILE A 295 15.55 -36.78 -18.11
CA ILE A 295 15.36 -35.35 -18.03
C ILE A 295 15.05 -34.77 -19.41
N VAL A 296 13.99 -33.96 -19.49
CA VAL A 296 13.69 -33.22 -20.70
C VAL A 296 14.01 -31.75 -20.47
N THR A 297 14.80 -31.16 -21.35
CA THR A 297 15.20 -29.76 -21.18
C THR A 297 14.29 -28.84 -21.99
N VAL A 298 13.69 -27.86 -21.32
CA VAL A 298 12.76 -26.95 -21.97
C VAL A 298 13.20 -25.48 -21.88
N ASP A 299 13.25 -24.82 -23.03
CA ASP A 299 13.63 -23.41 -23.09
C ASP A 299 12.38 -22.59 -23.26
N PHE A 300 11.98 -21.94 -22.18
CA PHE A 300 10.73 -21.20 -22.14
C PHE A 300 10.94 -19.84 -22.77
N PRO A 301 9.96 -19.36 -23.53
CA PRO A 301 9.93 -17.98 -24.01
C PRO A 301 10.12 -17.01 -22.85
N GLY A 302 10.92 -15.97 -23.04
CA GLY A 302 11.09 -14.96 -22.01
C GLY A 302 12.33 -15.15 -21.17
N ASP A 303 12.46 -14.35 -20.12
CA ASP A 303 13.69 -14.29 -19.34
C ASP A 303 13.82 -15.39 -18.28
N GLY A 304 12.72 -16.08 -18.00
CA GLY A 304 12.74 -17.14 -17.02
C GLY A 304 13.02 -16.62 -15.63
N VAL A 305 13.46 -17.52 -14.75
CA VAL A 305 13.73 -17.21 -13.35
C VAL A 305 15.21 -17.34 -13.05
N TYR A 306 15.77 -16.32 -12.42
CA TYR A 306 17.19 -16.33 -12.09
C TYR A 306 17.47 -15.34 -10.98
N TYR A 307 17.65 -15.83 -9.76
CA TYR A 307 17.94 -14.91 -8.66
C TYR A 307 18.73 -15.48 -7.50
N HIS A 308 19.47 -14.59 -6.85
N HIS A 308 19.33 -14.56 -6.78
CA HIS A 308 20.15 -14.88 -5.59
CA HIS A 308 20.10 -14.86 -5.60
C HIS A 308 19.59 -13.89 -4.58
C HIS A 308 19.64 -13.88 -4.55
N THR A 309 19.18 -14.37 -3.41
CA THR A 309 18.64 -13.50 -2.37
C THR A 309 19.53 -13.56 -1.14
N SER A 310 19.93 -12.40 -0.65
CA SER A 310 20.88 -12.33 0.46
C SER A 310 20.17 -12.48 1.79
N ASN A 311 20.66 -13.40 2.60
CA ASN A 311 20.17 -13.59 3.96
C ASN A 311 21.22 -13.13 4.96
N GLU A 312 22.13 -12.28 4.50
CA GLU A 312 23.21 -11.80 5.34
C GLU A 312 22.70 -11.07 6.58
N ARG A 313 21.66 -10.25 6.40
CA ARG A 313 21.13 -9.47 7.52
C ARG A 313 20.62 -10.35 8.64
N ILE A 314 19.79 -11.34 8.31
CA ILE A 314 19.26 -12.19 9.36
C ILE A 314 20.35 -13.07 9.98
N ARG A 315 21.32 -13.51 9.18
CA ARG A 315 22.46 -14.26 9.72
C ARG A 315 23.21 -13.44 10.76
N ASN A 316 23.57 -12.21 10.39
CA ASN A 316 24.40 -11.39 11.27
C ASN A 316 23.64 -10.71 12.41
N THR A 317 22.35 -10.42 12.21
CA THR A 317 21.57 -9.75 13.24
C THR A 317 20.95 -10.70 14.27
N LEU A 318 20.42 -11.84 13.82
CA LEU A 318 19.69 -12.75 14.70
C LEU A 318 20.43 -14.05 14.96
N GLY A 319 21.56 -14.26 14.29
CA GLY A 319 22.31 -15.50 14.44
C GLY A 319 21.66 -16.68 13.73
N PHE A 320 20.84 -16.38 12.72
CA PHE A 320 20.21 -17.40 11.90
C PHE A 320 21.25 -18.22 11.15
N GLU A 321 21.08 -19.54 11.20
CA GLU A 321 21.91 -20.47 10.44
C GLU A 321 21.01 -21.47 9.76
N ALA A 322 20.97 -21.43 8.43
CA ALA A 322 20.22 -22.42 7.67
C ALA A 322 21.00 -23.73 7.68
N GLU A 323 20.30 -24.84 7.82
CA GLU A 323 20.94 -26.12 8.10
C GLU A 323 20.55 -27.18 7.08
N TRP A 324 19.40 -26.99 6.46
CA TRP A 324 18.90 -27.97 5.50
C TRP A 324 19.36 -27.66 4.11
N THR A 325 20.54 -28.19 3.78
CA THR A 325 21.10 -28.05 2.45
C THR A 325 20.21 -28.83 1.49
N MET A 326 20.26 -28.46 0.22
CA MET A 326 19.46 -29.14 -0.79
C MET A 326 19.79 -30.63 -0.84
N ASP A 327 21.07 -30.98 -0.62
CA ASP A 327 21.44 -32.40 -0.61
C ASP A 327 20.74 -33.16 0.50
N ARG A 328 20.67 -32.56 1.69
CA ARG A 328 19.96 -33.16 2.81
C ARG A 328 18.46 -33.26 2.52
N MET A 329 17.89 -32.18 1.97
CA MET A 329 16.48 -32.18 1.62
C MET A 329 16.16 -33.28 0.61
N LEU A 330 17.02 -33.43 -0.40
CA LEU A 330 16.81 -34.43 -1.44
C LEU A 330 16.94 -35.85 -0.91
N GLU A 331 17.86 -36.06 0.01
CA GLU A 331 18.02 -37.38 0.62
C GLU A 331 16.72 -37.77 1.32
N GLU A 332 16.12 -36.82 2.02
N GLU A 332 16.12 -36.83 2.05
CA GLU A 332 14.88 -37.08 2.74
CA GLU A 332 14.88 -37.13 2.73
C GLU A 332 13.73 -37.26 1.76
C GLU A 332 13.73 -37.29 1.74
N ALA A 333 13.73 -36.46 0.70
CA ALA A 333 12.68 -36.52 -0.31
C ALA A 333 12.70 -37.87 -1.03
N ALA A 334 13.90 -38.33 -1.33
CA ALA A 334 14.09 -39.62 -1.99
C ALA A 334 13.59 -40.77 -1.12
N THR A 335 13.94 -40.74 0.16
CA THR A 335 13.49 -41.76 1.10
C THR A 335 11.96 -41.82 1.14
N ALA A 336 11.34 -40.65 1.15
CA ALA A 336 9.90 -40.57 1.19
C ALA A 336 9.29 -41.11 -0.10
N ARG A 337 9.87 -40.74 -1.23
CA ARG A 337 9.43 -41.26 -2.54
C ARG A 337 9.50 -42.78 -2.56
N ARG A 338 10.62 -43.33 -2.09
CA ARG A 338 10.81 -44.77 -2.13
C ARG A 338 9.81 -45.52 -1.25
N GLN A 339 9.44 -44.94 -0.11
CA GLN A 339 8.41 -45.53 0.73
C GLN A 339 7.06 -45.52 0.02
N ARG A 340 6.74 -44.40 -0.63
CA ARG A 340 5.49 -44.28 -1.38
C ARG A 340 5.34 -45.32 -2.48
N LEU A 341 6.41 -45.50 -3.26
CA LEU A 341 6.30 -46.21 -4.55
C LEU A 341 5.66 -47.60 -4.55
N HIS B 20 -13.54 10.51 -27.27
CA HIS B 20 -12.94 10.68 -25.96
C HIS B 20 -14.01 10.91 -24.90
N MET B 21 -13.70 10.49 -23.68
CA MET B 21 -14.51 10.81 -22.52
C MET B 21 -13.65 10.74 -21.28
N ILE B 22 -13.71 11.79 -20.47
CA ILE B 22 -12.92 11.86 -19.26
C ILE B 22 -13.82 11.60 -18.06
N LEU B 23 -13.46 10.61 -17.27
CA LEU B 23 -14.14 10.34 -16.00
C LEU B 23 -13.42 11.09 -14.88
N VAL B 24 -14.17 11.90 -14.13
CA VAL B 24 -13.61 12.54 -12.95
C VAL B 24 -14.34 12.06 -11.70
N THR B 25 -13.65 11.28 -10.88
CA THR B 25 -14.24 10.87 -9.62
C THR B 25 -14.05 12.01 -8.62
N GLY B 26 -14.91 12.04 -7.61
CA GLY B 26 -14.88 13.13 -6.64
C GLY B 26 -15.32 14.45 -7.23
N SER B 27 -16.14 14.37 -8.28
CA SER B 27 -16.52 15.53 -9.06
C SER B 27 -17.48 16.50 -8.34
N ALA B 28 -17.92 16.15 -7.14
CA ALA B 28 -18.74 17.10 -6.38
C ALA B 28 -17.89 17.83 -5.32
N GLY B 29 -16.64 17.41 -5.19
CA GLY B 29 -15.74 18.00 -4.21
C GLY B 29 -15.06 19.26 -4.71
N ARG B 30 -14.27 19.86 -3.83
CA ARG B 30 -13.61 21.14 -4.11
C ARG B 30 -12.85 21.16 -5.43
N VAL B 31 -11.89 20.26 -5.56
CA VAL B 31 -11.06 20.26 -6.75
C VAL B 31 -11.79 19.60 -7.90
N GLY B 32 -12.46 18.48 -7.63
CA GLY B 32 -13.14 17.74 -8.69
C GLY B 32 -14.14 18.59 -9.45
N ARG B 33 -14.95 19.37 -8.74
CA ARG B 33 -15.97 20.19 -9.42
C ARG B 33 -15.30 21.23 -10.30
N ALA B 34 -14.18 21.77 -9.83
CA ALA B 34 -13.47 22.79 -10.59
C ALA B 34 -12.79 22.20 -11.82
N VAL B 35 -12.32 20.96 -11.70
CA VAL B 35 -11.74 20.27 -12.84
C VAL B 35 -12.79 19.98 -13.90
N VAL B 36 -13.94 19.49 -13.48
CA VAL B 36 -15.05 19.25 -14.41
C VAL B 36 -15.45 20.55 -15.11
N ALA B 37 -15.63 21.61 -14.33
CA ALA B 37 -15.98 22.91 -14.89
C ALA B 37 -14.99 23.39 -15.95
N ALA B 38 -13.70 23.27 -15.66
CA ALA B 38 -12.66 23.68 -16.61
C ALA B 38 -12.73 22.86 -17.89
N LEU B 39 -12.90 21.56 -17.75
CA LEU B 39 -12.98 20.71 -18.93
C LEU B 39 -14.20 21.03 -19.77
N ARG B 40 -15.31 21.35 -19.12
CA ARG B 40 -16.52 21.71 -19.86
C ARG B 40 -16.40 23.07 -20.56
N THR B 41 -15.60 23.99 -20.02
CA THR B 41 -15.34 25.25 -20.73
C THR B 41 -14.49 25.00 -21.98
N GLN B 42 -13.81 23.85 -22.01
CA GLN B 42 -13.04 23.49 -23.18
C GLN B 42 -13.91 22.74 -24.18
N GLY B 43 -15.15 22.43 -23.76
CA GLY B 43 -16.06 21.69 -24.61
C GLY B 43 -15.76 20.21 -24.61
N ARG B 44 -15.03 19.75 -23.62
CA ARG B 44 -14.65 18.33 -23.59
C ARG B 44 -15.74 17.48 -22.98
N THR B 45 -15.81 16.22 -23.40
CA THR B 45 -16.81 15.30 -22.90
C THR B 45 -16.35 14.72 -21.56
N VAL B 46 -17.07 15.04 -20.51
CA VAL B 46 -16.71 14.64 -19.16
C VAL B 46 -17.87 13.93 -18.48
N ARG B 47 -17.55 12.88 -17.74
CA ARG B 47 -18.51 12.23 -16.86
C ARG B 47 -18.01 12.36 -15.42
N GLY B 48 -18.85 12.87 -14.54
CA GLY B 48 -18.52 12.87 -13.12
C GLY B 48 -18.86 11.54 -12.47
N PHE B 49 -18.36 11.34 -11.24
CA PHE B 49 -18.65 10.14 -10.47
C PHE B 49 -18.43 10.55 -9.03
N ASP B 50 -19.50 10.62 -8.25
CA ASP B 50 -19.38 11.03 -6.85
C ASP B 50 -20.55 10.48 -6.08
N LEU B 51 -20.38 10.35 -4.77
CA LEU B 51 -21.42 9.80 -3.89
C LEU B 51 -22.61 10.75 -3.83
N ARG B 52 -22.33 12.03 -4.06
CA ARG B 52 -23.36 13.08 -4.07
C ARG B 52 -23.50 13.66 -5.47
N PRO B 53 -24.67 14.24 -5.80
CA PRO B 53 -24.73 14.98 -7.07
C PRO B 53 -23.89 16.25 -6.95
N SER B 54 -23.43 16.79 -8.07
CA SER B 54 -22.60 18.01 -8.04
C SER B 54 -23.48 19.25 -7.98
N GLY B 55 -24.71 19.13 -8.44
CA GLY B 55 -25.63 20.25 -8.47
C GLY B 55 -25.41 21.12 -9.70
N THR B 56 -24.48 20.71 -10.56
CA THR B 56 -24.20 21.44 -11.79
C THR B 56 -25.10 20.94 -12.90
N GLY B 57 -25.70 19.78 -12.71
CA GLY B 57 -26.57 19.19 -13.71
C GLY B 57 -25.83 18.69 -14.93
N GLY B 58 -24.55 18.39 -14.78
CA GLY B 58 -23.77 17.82 -15.86
C GLY B 58 -23.86 16.30 -15.84
N GLU B 59 -23.38 15.64 -16.89
CA GLU B 59 -23.41 14.17 -16.91
C GLU B 59 -22.56 13.61 -15.79
N GLU B 60 -23.18 12.83 -14.92
CA GLU B 60 -22.44 12.26 -13.81
C GLU B 60 -23.14 11.02 -13.27
N VAL B 61 -22.32 10.07 -12.81
CA VAL B 61 -22.83 8.95 -12.06
C VAL B 61 -22.91 9.39 -10.61
N VAL B 62 -24.08 9.22 -9.99
CA VAL B 62 -24.19 9.45 -8.56
C VAL B 62 -24.18 8.08 -7.90
N GLY B 63 -23.05 7.72 -7.30
CA GLY B 63 -22.87 6.38 -6.78
C GLY B 63 -21.53 6.27 -6.06
N SER B 64 -21.22 5.07 -5.58
CA SER B 64 -20.10 4.87 -4.67
C SER B 64 -18.96 4.11 -5.32
N LEU B 65 -17.73 4.50 -5.00
CA LEU B 65 -16.55 3.77 -5.41
C LEU B 65 -16.52 2.38 -4.81
N GLU B 66 -17.34 2.15 -3.78
CA GLU B 66 -17.45 0.83 -3.15
C GLU B 66 -18.33 -0.13 -3.95
N ASP B 67 -19.11 0.42 -4.87
CA ASP B 67 -20.09 -0.41 -5.59
C ASP B 67 -19.65 -0.78 -7.00
N GLY B 68 -19.49 -2.08 -7.22
CA GLY B 68 -19.03 -2.59 -8.51
C GLY B 68 -19.90 -2.17 -9.67
N GLN B 69 -21.21 -2.07 -9.45
CA GLN B 69 -22.12 -1.62 -10.50
C GLN B 69 -21.86 -0.17 -10.90
N ALA B 70 -21.66 0.69 -9.91
CA ALA B 70 -21.39 2.09 -10.19
C ALA B 70 -20.06 2.23 -10.93
N LEU B 71 -19.07 1.44 -10.53
CA LEU B 71 -17.76 1.47 -11.19
C LEU B 71 -17.84 1.11 -12.66
N SER B 72 -18.57 0.04 -12.97
CA SER B 72 -18.71 -0.42 -14.36
C SER B 72 -19.47 0.60 -15.22
N ASP B 73 -20.52 1.19 -14.65
CA ASP B 73 -21.28 2.23 -15.33
C ASP B 73 -20.42 3.47 -15.57
N ALA B 74 -19.64 3.83 -14.57
CA ALA B 74 -18.80 5.03 -14.67
C ALA B 74 -17.70 4.88 -15.71
N ILE B 75 -17.20 3.66 -15.89
CA ILE B 75 -16.01 3.44 -16.72
C ILE B 75 -16.35 3.21 -18.20
N MET B 76 -17.62 2.92 -18.48
CA MET B 76 -18.04 2.59 -19.85
C MET B 76 -17.71 3.69 -20.85
N GLY B 77 -16.87 3.37 -21.83
CA GLY B 77 -16.55 4.29 -22.91
C GLY B 77 -15.57 5.38 -22.53
N VAL B 78 -14.99 5.27 -21.33
CA VAL B 78 -14.07 6.27 -20.82
C VAL B 78 -12.65 6.09 -21.38
N SER B 79 -11.98 7.19 -21.75
CA SER B 79 -10.63 7.13 -22.28
C SER B 79 -9.58 7.67 -21.29
N ALA B 80 -10.01 8.48 -20.34
CA ALA B 80 -9.08 8.95 -19.31
C ALA B 80 -9.80 9.11 -17.99
N VAL B 81 -9.08 8.87 -16.89
CA VAL B 81 -9.67 8.93 -15.56
C VAL B 81 -8.86 9.89 -14.70
N LEU B 82 -9.56 10.84 -14.09
CA LEU B 82 -8.95 11.69 -13.09
C LEU B 82 -9.56 11.25 -11.76
N HIS B 83 -8.78 10.54 -10.96
CA HIS B 83 -9.31 9.91 -9.76
C HIS B 83 -9.07 10.76 -8.52
N LEU B 84 -10.06 11.58 -8.21
CA LEU B 84 -9.97 12.52 -7.10
C LEU B 84 -10.88 12.15 -5.94
N GLY B 85 -11.81 11.22 -6.17
CA GLY B 85 -12.72 10.81 -5.12
C GLY B 85 -12.03 10.06 -4.01
N ALA B 86 -12.28 10.46 -2.76
CA ALA B 86 -11.73 9.80 -1.59
C ALA B 86 -12.46 10.23 -0.33
N PHE B 87 -12.25 9.48 0.73
CA PHE B 87 -12.95 9.74 1.99
C PHE B 87 -11.93 10.04 3.08
N MET B 88 -12.22 11.05 3.89
N MET B 88 -12.20 11.08 3.87
CA MET B 88 -11.38 11.37 5.04
CA MET B 88 -11.40 11.41 5.04
C MET B 88 -12.24 11.49 6.30
C MET B 88 -12.28 11.44 6.29
N SER B 89 -11.82 10.81 7.37
CA SER B 89 -12.48 10.96 8.66
C SER B 89 -11.50 10.66 9.80
N TRP B 90 -11.70 11.34 10.93
CA TRP B 90 -10.84 11.18 12.10
C TRP B 90 -11.46 10.20 13.10
N ALA B 91 -12.73 9.87 12.89
CA ALA B 91 -13.45 8.97 13.78
C ALA B 91 -13.07 7.52 13.46
N PRO B 92 -12.68 6.75 14.50
CA PRO B 92 -12.33 5.34 14.29
C PRO B 92 -13.52 4.55 13.75
N ALA B 93 -14.73 5.00 14.01
CA ALA B 93 -15.92 4.36 13.47
C ALA B 93 -15.90 4.38 11.95
N ASP B 94 -15.25 5.39 11.38
CA ASP B 94 -15.22 5.59 9.94
C ASP B 94 -13.99 5.01 9.25
N ARG B 95 -13.07 4.42 10.00
CA ARG B 95 -11.81 3.96 9.42
C ARG B 95 -11.97 2.84 8.37
N ASP B 96 -12.86 1.88 8.65
CA ASP B 96 -13.15 0.82 7.70
C ASP B 96 -13.60 1.40 6.35
N ARG B 97 -14.49 2.38 6.42
CA ARG B 97 -15.00 3.02 5.20
C ARG B 97 -13.89 3.75 4.45
N MET B 98 -12.98 4.37 5.20
CA MET B 98 -11.89 5.10 4.57
C MET B 98 -11.01 4.15 3.75
N PHE B 99 -10.72 2.97 4.27
CA PHE B 99 -9.95 1.99 3.51
C PHE B 99 -10.77 1.41 2.36
N ALA B 100 -12.06 1.19 2.59
CA ALA B 100 -12.94 0.67 1.54
C ALA B 100 -12.99 1.61 0.35
N VAL B 101 -13.14 2.90 0.63
CA VAL B 101 -13.22 3.89 -0.44
C VAL B 101 -11.87 4.19 -1.06
N ASN B 102 -10.86 4.41 -0.21
CA ASN B 102 -9.58 4.90 -0.72
C ASN B 102 -8.67 3.81 -1.27
N VAL B 103 -8.72 2.62 -0.68
CA VAL B 103 -7.83 1.54 -1.09
C VAL B 103 -8.55 0.58 -2.04
N GLU B 104 -9.55 -0.14 -1.53
CA GLU B 104 -10.28 -1.08 -2.39
C GLU B 104 -10.97 -0.40 -3.58
N GLY B 105 -11.58 0.76 -3.36
CA GLY B 105 -12.20 1.47 -4.47
C GLY B 105 -11.22 1.86 -5.56
N THR B 106 -10.04 2.34 -5.15
CA THR B 106 -8.97 2.68 -6.09
C THR B 106 -8.49 1.43 -6.83
N ARG B 107 -8.39 0.33 -6.09
CA ARG B 107 -7.94 -0.93 -6.70
C ARG B 107 -8.88 -1.36 -7.81
N ARG B 108 -10.17 -1.38 -7.51
CA ARG B 108 -11.15 -1.86 -8.49
C ARG B 108 -11.33 -0.89 -9.65
N LEU B 109 -11.24 0.40 -9.36
CA LEU B 109 -11.32 1.41 -10.42
C LEU B 109 -10.12 1.31 -11.36
N LEU B 110 -8.93 1.12 -10.80
CA LEU B 110 -7.75 0.86 -11.63
C LEU B 110 -7.92 -0.36 -12.55
N ASP B 111 -8.42 -1.46 -11.98
CA ASP B 111 -8.59 -2.67 -12.77
C ASP B 111 -9.62 -2.45 -13.87
N ALA B 112 -10.70 -1.76 -13.52
CA ALA B 112 -11.78 -1.53 -14.48
C ALA B 112 -11.32 -0.62 -15.60
N ALA B 113 -10.59 0.43 -15.25
CA ALA B 113 -10.02 1.35 -16.24
C ALA B 113 -9.08 0.61 -17.18
N SER B 114 -8.23 -0.26 -16.62
CA SER B 114 -7.27 -0.98 -17.44
C SER B 114 -7.99 -1.93 -18.41
N ALA B 115 -8.97 -2.65 -17.90
CA ALA B 115 -9.75 -3.59 -18.73
C ALA B 115 -10.52 -2.88 -19.84
N ALA B 116 -10.92 -1.64 -19.60
CA ALA B 116 -11.67 -0.85 -20.58
C ALA B 116 -10.77 -0.13 -21.59
N GLY B 117 -9.47 -0.29 -21.46
CA GLY B 117 -8.53 0.33 -22.39
C GLY B 117 -8.36 1.83 -22.19
N VAL B 118 -8.53 2.27 -20.96
CA VAL B 118 -8.28 3.67 -20.61
C VAL B 118 -6.83 4.00 -20.94
N ARG B 119 -6.58 5.19 -21.51
N ARG B 119 -6.61 5.18 -21.52
CA ARG B 119 -5.23 5.53 -21.93
CA ARG B 119 -5.28 5.58 -21.95
C ARG B 119 -4.39 6.11 -20.80
C ARG B 119 -4.42 6.08 -20.79
N ARG B 120 -5.00 6.92 -19.94
CA ARG B 120 -4.27 7.52 -18.85
C ARG B 120 -5.12 7.63 -17.60
N PHE B 121 -4.52 7.34 -16.46
CA PHE B 121 -5.18 7.35 -15.17
C PHE B 121 -4.38 8.26 -14.25
N VAL B 122 -4.99 9.38 -13.84
CA VAL B 122 -4.34 10.32 -12.94
C VAL B 122 -4.86 10.13 -11.52
N PHE B 123 -3.96 9.92 -10.57
CA PHE B 123 -4.34 9.65 -9.18
C PHE B 123 -4.02 10.83 -8.28
N ALA B 124 -5.04 11.28 -7.56
CA ALA B 124 -4.85 12.31 -6.55
C ALA B 124 -4.30 11.71 -5.27
N SER B 125 -3.01 11.91 -5.02
CA SER B 125 -2.43 11.56 -3.74
C SER B 125 -2.33 12.78 -2.82
N SER B 126 -1.52 12.69 -1.78
CA SER B 126 -1.49 13.74 -0.75
C SER B 126 -0.09 13.84 -0.18
N GLY B 127 0.29 15.02 0.31
CA GLY B 127 1.53 15.14 1.04
C GLY B 127 1.55 14.38 2.36
N GLU B 128 0.40 13.81 2.76
CA GLU B 128 0.38 13.00 3.98
C GLU B 128 1.09 11.66 3.76
N VAL B 129 1.44 11.35 2.52
CA VAL B 129 2.21 10.11 2.29
C VAL B 129 3.64 10.24 2.80
N TYR B 130 4.13 11.46 2.98
CA TYR B 130 5.54 11.63 3.35
C TYR B 130 5.90 11.31 4.81
N PRO B 131 5.30 11.97 5.81
CA PRO B 131 4.25 13.00 5.78
C PRO B 131 4.83 14.42 5.88
N GLU B 132 4.16 15.41 5.29
CA GLU B 132 4.58 16.81 5.41
C GLU B 132 4.58 17.28 6.86
N ASN B 133 3.72 16.69 7.69
CA ASN B 133 3.67 17.10 9.08
C ASN B 133 4.82 16.53 9.93
N ARG B 134 5.62 15.64 9.33
CA ARG B 134 6.86 15.19 9.96
C ARG B 134 7.95 14.94 8.92
N PRO B 135 8.48 16.02 8.33
CA PRO B 135 9.48 15.88 7.27
C PRO B 135 10.85 15.47 7.81
N GLU B 136 11.61 14.75 6.99
CA GLU B 136 12.98 14.39 7.33
C GLU B 136 13.94 15.48 6.87
N PHE B 137 13.55 16.19 5.81
CA PHE B 137 14.34 17.30 5.28
C PHE B 137 13.45 18.29 4.53
N LEU B 138 13.93 19.51 4.32
CA LEU B 138 13.19 20.52 3.57
C LEU B 138 14.07 21.08 2.45
N PRO B 139 13.48 21.35 1.27
CA PRO B 139 12.07 21.12 0.94
C PRO B 139 11.82 19.65 0.69
N VAL B 140 10.57 19.23 0.89
CA VAL B 140 10.18 17.86 0.64
C VAL B 140 10.10 17.62 -0.87
N THR B 141 10.95 16.74 -1.39
CA THR B 141 10.92 16.37 -2.80
C THR B 141 10.22 15.02 -2.97
N GLU B 142 9.91 14.65 -4.20
CA GLU B 142 9.20 13.41 -4.48
C GLU B 142 9.95 12.16 -4.01
N ASP B 143 11.26 12.26 -3.82
CA ASP B 143 12.05 11.12 -3.38
C ASP B 143 12.25 11.07 -1.86
N HIS B 144 11.62 12.00 -1.14
CA HIS B 144 11.50 11.90 0.31
C HIS B 144 10.86 10.55 0.64
N PRO B 145 11.28 9.92 1.75
CA PRO B 145 10.64 8.67 2.19
C PRO B 145 9.12 8.78 2.30
N LEU B 146 8.43 7.66 2.12
CA LEU B 146 6.97 7.60 2.25
C LEU B 146 6.60 6.86 3.53
N CYS B 147 6.49 7.59 4.62
CA CYS B 147 6.25 7.04 5.95
C CYS B 147 5.10 7.72 6.66
N PRO B 148 3.87 7.52 6.15
CA PRO B 148 2.69 8.21 6.69
C PRO B 148 2.43 7.90 8.16
N ASN B 149 1.94 8.88 8.90
CA ASN B 149 1.62 8.67 10.31
C ASN B 149 0.12 8.81 10.64
N SER B 150 -0.69 9.01 9.60
CA SER B 150 -2.13 9.06 9.78
C SER B 150 -2.76 7.96 8.94
N PRO B 151 -3.91 7.44 9.37
CA PRO B 151 -4.58 6.43 8.56
C PRO B 151 -4.92 6.96 7.18
N TYR B 152 -5.31 8.22 7.06
CA TYR B 152 -5.58 8.77 5.74
C TYR B 152 -4.31 8.72 4.86
N GLY B 153 -3.18 9.15 5.42
CA GLY B 153 -1.93 9.14 4.68
C GLY B 153 -1.58 7.73 4.25
N LEU B 154 -1.86 6.77 5.14
CA LEU B 154 -1.62 5.36 4.82
C LEU B 154 -2.49 4.92 3.63
N THR B 155 -3.77 5.31 3.62
CA THR B 155 -4.61 4.94 2.47
C THR B 155 -4.10 5.51 1.16
N LYS B 156 -3.58 6.74 1.19
CA LYS B 156 -3.06 7.31 -0.03
C LYS B 156 -1.79 6.63 -0.49
N LEU B 157 -0.92 6.24 0.45
CA LEU B 157 0.27 5.45 0.11
C LEU B 157 -0.10 4.12 -0.53
N LEU B 158 -1.09 3.43 0.03
CA LEU B 158 -1.49 2.13 -0.53
C LEU B 158 -2.07 2.38 -1.92
N GLY B 159 -2.83 3.47 -2.08
CA GLY B 159 -3.31 3.87 -3.39
C GLY B 159 -2.18 4.09 -4.38
N GLU B 160 -1.11 4.73 -3.94
CA GLU B 160 0.03 5.00 -4.85
C GLU B 160 0.65 3.70 -5.30
N GLU B 161 0.72 2.73 -4.41
CA GLU B 161 1.29 1.42 -4.76
C GLU B 161 0.42 0.65 -5.72
N LEU B 162 -0.89 0.74 -5.56
CA LEU B 162 -1.80 0.19 -6.56
C LEU B 162 -1.56 0.86 -7.92
N VAL B 163 -1.40 2.18 -7.93
CA VAL B 163 -1.15 2.86 -9.19
C VAL B 163 0.21 2.47 -9.80
N ARG B 164 1.24 2.40 -8.97
CA ARG B 164 2.57 1.99 -9.46
C ARG B 164 2.55 0.58 -10.03
N PHE B 165 1.70 -0.28 -9.49
CA PHE B 165 1.62 -1.65 -10.01
C PHE B 165 1.11 -1.63 -11.44
N HIS B 166 0.11 -0.78 -11.70
CA HIS B 166 -0.42 -0.66 -13.05
C HIS B 166 0.56 0.03 -13.99
N GLN B 167 1.32 0.98 -13.46
CA GLN B 167 2.26 1.74 -14.27
C GLN B 167 3.26 0.78 -14.89
N ARG B 168 3.74 -0.17 -14.10
CA ARG B 168 4.76 -1.10 -14.54
C ARG B 168 4.24 -2.23 -15.42
N SER B 169 2.94 -2.54 -15.34
CA SER B 169 2.44 -3.81 -15.87
C SER B 169 1.44 -3.76 -17.01
N GLY B 170 0.97 -2.56 -17.37
CA GLY B 170 -0.06 -2.44 -18.39
C GLY B 170 0.15 -1.31 -19.40
N ALA B 171 -0.71 -1.24 -20.41
CA ALA B 171 -0.58 -0.23 -21.45
C ALA B 171 -1.09 1.12 -20.95
N MET B 172 -1.91 1.08 -19.91
CA MET B 172 -2.50 2.31 -19.36
C MET B 172 -1.44 3.18 -18.67
N GLU B 173 -1.31 4.43 -19.14
CA GLU B 173 -0.39 5.38 -18.51
C GLU B 173 -0.94 5.79 -17.15
N THR B 174 -0.05 6.09 -16.22
CA THR B 174 -0.47 6.61 -14.93
C THR B 174 0.26 7.91 -14.59
N VAL B 175 -0.39 8.76 -13.80
CA VAL B 175 0.28 9.91 -13.20
C VAL B 175 -0.13 9.96 -11.74
N ILE B 176 0.85 10.16 -10.86
CA ILE B 176 0.56 10.35 -9.44
C ILE B 176 0.84 11.81 -9.10
N LEU B 177 -0.18 12.49 -8.55
CA LEU B 177 -0.04 13.89 -8.12
C LEU B 177 -0.24 13.99 -6.61
N ARG B 178 0.77 14.43 -5.88
CA ARG B 178 0.63 14.60 -4.42
C ARG B 178 0.13 16.01 -4.16
N PHE B 179 -1.14 16.11 -3.78
CA PHE B 179 -1.79 17.42 -3.66
C PHE B 179 -1.33 18.22 -2.44
N SER B 180 -1.04 19.51 -2.65
CA SER B 180 -1.00 20.47 -1.57
C SER B 180 -2.39 20.54 -0.92
N HIS B 181 -2.43 20.92 0.34
CA HIS B 181 -3.69 21.43 0.88
C HIS B 181 -4.23 22.51 -0.07
N THR B 182 -5.52 22.43 -0.38
CA THR B 182 -6.11 23.25 -1.44
C THR B 182 -7.32 23.99 -0.89
N GLN B 183 -7.43 25.27 -1.24
CA GLN B 183 -8.61 26.07 -0.87
C GLN B 183 -9.11 26.91 -2.04
N ASP B 184 -10.42 27.12 -2.10
CA ASP B 184 -10.92 28.20 -2.95
C ASP B 184 -10.52 29.51 -2.26
N ALA B 185 -10.09 30.51 -3.02
CA ALA B 185 -9.60 31.76 -2.42
C ALA B 185 -10.62 32.33 -1.44
N THR B 186 -11.90 32.26 -1.78
CA THR B 186 -12.94 32.85 -0.93
C THR B 186 -13.09 32.17 0.44
N GLU B 187 -12.60 30.94 0.58
CA GLU B 187 -12.68 30.23 1.85
C GLU B 187 -11.77 30.84 2.90
N LEU B 188 -10.69 31.48 2.45
CA LEU B 188 -9.60 31.87 3.36
C LEU B 188 -10.02 32.76 4.51
N LEU B 189 -10.95 33.66 4.26
CA LEU B 189 -11.39 34.61 5.27
C LEU B 189 -12.84 34.40 5.66
N ASP B 190 -13.27 33.14 5.61
CA ASP B 190 -14.63 32.74 5.97
C ASP B 190 -14.55 31.90 7.25
N GLU B 191 -15.04 32.46 8.35
CA GLU B 191 -15.07 31.76 9.63
C GLU B 191 -15.77 30.42 9.54
N ASP B 192 -16.67 30.27 8.56
CA ASP B 192 -17.47 29.06 8.48
C ASP B 192 -16.90 28.00 7.53
N SER B 193 -15.82 28.32 6.84
CA SER B 193 -15.17 27.34 5.97
C SER B 193 -14.60 26.20 6.80
N PHE B 194 -14.57 25.01 6.21
CA PHE B 194 -14.24 23.81 6.94
C PHE B 194 -12.79 23.78 7.44
N PHE B 195 -11.86 24.26 6.60
CA PHE B 195 -10.44 24.25 6.94
C PHE B 195 -9.91 25.62 7.37
N SER B 196 -10.24 26.65 6.60
CA SER B 196 -9.70 27.99 6.83
C SER B 196 -10.28 28.69 8.06
N GLY B 197 -11.55 28.38 8.37
CA GLY B 197 -12.16 28.92 9.57
C GLY B 197 -11.31 28.61 10.80
N PRO B 198 -11.12 27.32 11.09
CA PRO B 198 -10.30 26.95 12.25
C PRO B 198 -8.81 27.34 12.08
N ARG B 199 -8.35 27.41 10.84
CA ARG B 199 -6.94 27.66 10.56
C ARG B 199 -6.57 29.07 11.00
N PHE B 200 -7.50 30.00 10.82
CA PHE B 200 -7.18 31.42 10.98
C PHE B 200 -8.03 32.16 12.00
N PHE B 201 -9.07 31.52 12.51
CA PHE B 201 -9.98 32.20 13.46
C PHE B 201 -10.06 31.40 14.77
N LEU B 202 -9.84 32.05 15.90
CA LEU B 202 -9.77 31.32 17.16
C LEU B 202 -11.03 30.56 17.56
N ARG B 203 -12.17 31.22 17.52
CA ARG B 203 -13.41 30.58 17.97
C ARG B 203 -13.86 29.40 17.09
N PRO B 204 -13.76 29.52 15.75
CA PRO B 204 -14.02 28.33 14.95
C PRO B 204 -13.05 27.18 15.26
N ARG B 205 -11.81 27.50 15.66
CA ARG B 205 -10.86 26.44 15.99
C ARG B 205 -11.23 25.77 17.32
N ILE B 206 -11.71 26.58 18.27
CA ILE B 206 -12.17 26.05 19.57
C ILE B 206 -13.24 25.03 19.29
N HIS B 207 -14.20 25.41 18.44
CA HIS B 207 -15.33 24.54 18.11
C HIS B 207 -14.90 23.27 17.36
N GLN B 208 -13.97 23.40 16.43
CA GLN B 208 -13.47 22.27 15.67
C GLN B 208 -12.80 21.26 16.58
N GLN B 209 -11.95 21.76 17.47
CA GLN B 209 -11.21 20.90 18.39
C GLN B 209 -12.11 20.25 19.42
N GLN B 210 -13.14 20.97 19.88
CA GLN B 210 -14.14 20.38 20.78
C GLN B 210 -14.87 19.23 20.09
N ASN B 211 -15.27 19.45 18.84
CA ASN B 211 -16.01 18.45 18.08
C ASN B 211 -15.17 17.22 17.70
N PHE B 212 -13.86 17.44 17.58
CA PHE B 212 -12.92 16.34 17.37
C PHE B 212 -12.68 15.62 18.69
N GLY B 213 -13.09 16.23 19.79
CA GLY B 213 -12.91 15.66 21.11
C GLY B 213 -11.53 15.87 21.70
N ASN B 214 -10.75 16.75 21.09
CA ASN B 214 -9.42 17.08 21.63
C ASN B 214 -9.55 18.10 22.74
N ALA B 215 -9.90 17.64 23.93
CA ALA B 215 -10.24 18.53 25.05
C ALA B 215 -9.07 19.41 25.51
N ALA B 216 -7.88 18.84 25.56
CA ALA B 216 -6.70 19.58 26.03
C ALA B 216 -6.43 20.80 25.15
N ILE B 217 -6.52 20.60 23.84
CA ILE B 217 -6.33 21.69 22.88
C ILE B 217 -7.50 22.67 22.93
N ALA B 218 -8.72 22.14 22.91
CA ALA B 218 -9.92 23.00 23.01
C ALA B 218 -9.88 23.89 24.24
N GLU B 219 -9.48 23.32 25.38
CA GLU B 219 -9.43 24.11 26.61
C GLU B 219 -8.33 25.17 26.57
N LEU B 220 -7.17 24.80 26.03
CA LEU B 220 -6.10 25.77 25.84
C LEU B 220 -6.57 26.94 24.98
N LEU B 221 -7.23 26.63 23.86
CA LEU B 221 -7.72 27.67 22.96
C LEU B 221 -8.75 28.58 23.66
N GLN B 222 -9.69 27.99 24.39
N GLN B 222 -9.68 27.98 24.40
CA GLN B 222 -10.69 28.77 25.10
CA GLN B 222 -10.69 28.74 25.12
C GLN B 222 -10.04 29.70 26.14
C GLN B 222 -10.04 29.69 26.12
N SER B 223 -8.95 29.22 26.74
CA SER B 223 -8.25 30.00 27.76
C SER B 223 -7.54 31.22 27.16
N ARG B 224 -7.32 31.21 25.85
CA ARG B 224 -6.64 32.30 25.17
C ARG B 224 -7.61 33.26 24.49
N ASP B 225 -8.91 32.95 24.55
CA ASP B 225 -9.92 33.86 24.02
C ASP B 225 -9.86 35.21 24.72
N ILE B 226 -9.94 36.28 23.95
CA ILE B 226 -9.81 37.63 24.49
C ILE B 226 -11.14 38.37 24.64
N GLY B 227 -12.25 37.63 24.65
CA GLY B 227 -13.54 38.26 24.92
C GLY B 227 -14.24 38.83 23.69
N GLU B 228 -13.59 38.73 22.54
CA GLU B 228 -14.20 39.09 21.26
C GLU B 228 -13.60 38.17 20.23
N PRO B 229 -14.24 38.05 19.05
CA PRO B 229 -13.65 37.20 18.01
C PRO B 229 -12.23 37.65 17.64
N SER B 230 -11.36 36.68 17.36
CA SER B 230 -9.98 37.01 17.03
C SER B 230 -9.44 36.03 15.99
N HIS B 231 -8.37 36.44 15.30
CA HIS B 231 -7.57 35.48 14.55
C HIS B 231 -6.69 34.70 15.49
N ILE B 232 -6.26 33.53 15.01
CA ILE B 232 -5.26 32.76 15.73
C ILE B 232 -4.01 32.65 14.88
N LEU B 233 -2.86 32.90 15.51
CA LEU B 233 -1.57 32.64 14.89
C LEU B 233 -0.98 31.42 15.58
N ALA B 234 -1.01 30.29 14.88
CA ALA B 234 -0.58 29.04 15.46
C ALA B 234 0.93 28.90 15.38
N ARG B 235 1.54 28.59 16.52
CA ARG B 235 2.96 28.26 16.58
C ARG B 235 3.15 26.93 17.31
N ASN B 236 4.37 26.39 17.27
CA ASN B 236 4.60 25.14 18.00
C ASN B 236 5.05 25.37 19.45
N GLU B 237 5.50 24.29 20.10
CA GLU B 237 5.82 24.36 21.53
C GLU B 237 7.00 25.26 21.81
N ASN B 238 7.79 25.54 20.77
CA ASN B 238 8.95 26.41 20.91
C ASN B 238 8.70 27.81 20.37
N GLY B 239 7.44 28.08 20.03
CA GLY B 239 7.06 29.38 19.50
C GLY B 239 7.37 29.59 18.02
N ARG B 240 7.65 28.49 17.32
CA ARG B 240 7.95 28.56 15.89
C ARG B 240 6.64 28.61 15.12
N PRO B 241 6.41 29.69 14.35
CA PRO B 241 5.12 29.85 13.66
C PRO B 241 4.91 28.75 12.65
N PHE B 242 3.66 28.30 12.48
CA PHE B 242 3.35 27.28 11.49
C PHE B 242 3.67 27.74 10.08
N ARG B 243 3.97 26.77 9.22
CA ARG B 243 4.33 27.04 7.83
C ARG B 243 3.82 25.87 7.01
N MET B 244 3.06 26.15 5.95
CA MET B 244 2.52 25.04 5.14
C MET B 244 2.07 25.61 3.80
N HIS B 245 1.97 24.75 2.80
CA HIS B 245 1.44 25.15 1.50
C HIS B 245 -0.07 25.20 1.50
N ILE B 246 -0.59 26.36 1.11
CA ILE B 246 -2.02 26.49 0.85
C ILE B 246 -2.16 26.94 -0.60
N THR B 247 -2.71 26.06 -1.43
CA THR B 247 -2.73 26.29 -2.87
C THR B 247 -4.16 26.58 -3.33
N ASP B 248 -4.29 27.58 -4.17
CA ASP B 248 -5.59 27.89 -4.79
C ASP B 248 -6.08 26.76 -5.70
N THR B 249 -7.37 26.44 -5.57
CA THR B 249 -8.02 25.43 -6.40
C THR B 249 -7.68 25.59 -7.88
N ARG B 250 -7.68 26.85 -8.34
CA ARG B 250 -7.40 27.12 -9.74
C ARG B 250 -6.02 26.66 -10.21
N ASP B 251 -5.01 26.74 -9.35
CA ASP B 251 -3.68 26.26 -9.72
C ASP B 251 -3.66 24.73 -9.71
N MET B 252 -4.40 24.14 -8.78
CA MET B 252 -4.47 22.66 -8.74
C MET B 252 -5.10 22.16 -10.03
N VAL B 253 -6.18 22.81 -10.44
CA VAL B 253 -6.84 22.49 -11.72
C VAL B 253 -5.87 22.56 -12.89
N ALA B 254 -5.12 23.65 -13.00
CA ALA B 254 -4.15 23.80 -14.08
C ALA B 254 -3.15 22.64 -14.09
N GLY B 255 -2.65 22.26 -12.92
CA GLY B 255 -1.70 21.16 -12.87
C GLY B 255 -2.33 19.83 -13.21
N ILE B 256 -3.60 19.67 -12.85
CA ILE B 256 -4.29 18.41 -13.15
C ILE B 256 -4.50 18.29 -14.65
N LEU B 257 -4.82 19.41 -15.30
CA LEU B 257 -5.01 19.41 -16.75
C LEU B 257 -3.72 19.07 -17.46
N LEU B 258 -2.60 19.56 -16.92
CA LEU B 258 -1.29 19.22 -17.48
C LEU B 258 -1.06 17.73 -17.30
N ALA B 259 -1.39 17.20 -16.13
CA ALA B 259 -1.23 15.76 -15.89
C ALA B 259 -2.04 14.94 -16.90
N LEU B 260 -3.22 15.44 -17.28
CA LEU B 260 -4.10 14.74 -18.20
C LEU B 260 -3.58 14.73 -19.64
N ASP B 261 -3.01 15.86 -20.06
CA ASP B 261 -2.73 16.10 -21.48
C ASP B 261 -1.25 16.07 -21.88
N HIS B 262 -0.35 16.30 -20.92
CA HIS B 262 1.07 16.48 -21.27
C HIS B 262 1.73 15.14 -21.52
N PRO B 263 2.43 15.00 -22.67
CA PRO B 263 3.15 13.75 -22.98
C PRO B 263 4.11 13.29 -21.89
N GLU B 264 4.80 14.23 -21.25
CA GLU B 264 5.85 13.90 -20.30
C GLU B 264 5.32 13.62 -18.89
N ALA B 265 4.00 13.66 -18.75
CA ALA B 265 3.39 13.31 -17.47
C ALA B 265 3.30 11.80 -17.26
N ALA B 266 3.28 11.05 -18.35
CA ALA B 266 3.10 9.59 -18.28
C ALA B 266 4.16 8.91 -17.44
N GLY B 267 3.70 8.09 -16.49
CA GLY B 267 4.58 7.37 -15.61
C GLY B 267 5.21 8.24 -14.53
N GLY B 268 4.72 9.47 -14.40
CA GLY B 268 5.33 10.44 -13.52
C GLY B 268 4.70 10.55 -12.15
N THR B 269 5.48 11.09 -11.21
CA THR B 269 5.05 11.34 -9.83
C THR B 269 5.44 12.78 -9.50
N PHE B 270 4.46 13.61 -9.17
CA PHE B 270 4.70 15.03 -8.99
C PHE B 270 4.01 15.57 -7.76
N ASN B 271 4.75 16.35 -6.97
CA ASN B 271 4.13 17.24 -6.01
C ASN B 271 3.40 18.33 -6.80
N LEU B 272 2.14 18.56 -6.46
CA LEU B 272 1.40 19.62 -7.12
C LEU B 272 0.94 20.61 -6.07
N GLY B 273 1.44 21.85 -6.15
CA GLY B 273 1.10 22.90 -5.20
C GLY B 273 1.83 24.17 -5.60
N ALA B 274 1.58 25.26 -4.88
CA ALA B 274 2.24 26.53 -5.19
C ALA B 274 3.72 26.51 -4.75
N ASP B 275 4.50 27.46 -5.26
CA ASP B 275 5.96 27.40 -5.07
C ASP B 275 6.38 27.47 -3.60
N GLU B 276 5.79 28.38 -2.85
N GLU B 276 5.76 28.36 -2.85
CA GLU B 276 6.26 28.65 -1.48
CA GLU B 276 6.21 28.66 -1.49
C GLU B 276 5.15 28.45 -0.45
C GLU B 276 5.12 28.43 -0.45
N PRO B 277 5.53 27.98 0.75
CA PRO B 277 4.54 27.79 1.81
C PRO B 277 4.13 29.15 2.37
N ALA B 278 2.97 29.21 3.00
CA ALA B 278 2.58 30.38 3.74
C ALA B 278 3.29 30.34 5.10
N ASP B 279 3.95 31.43 5.46
CA ASP B 279 4.58 31.58 6.79
C ASP B 279 3.58 32.26 7.70
N PHE B 280 3.07 31.55 8.71
CA PHE B 280 1.97 32.14 9.48
C PHE B 280 2.36 33.43 10.22
N ALA B 281 3.65 33.59 10.52
CA ALA B 281 4.10 34.82 11.17
C ALA B 281 3.93 36.03 10.27
N ALA B 282 4.07 35.82 8.96
CA ALA B 282 3.90 36.90 7.98
C ALA B 282 2.44 37.01 7.54
N LEU B 283 1.80 35.85 7.44
CA LEU B 283 0.45 35.76 6.88
C LEU B 283 -0.62 36.32 7.79
N LEU B 284 -0.51 36.07 9.09
CA LEU B 284 -1.60 36.50 9.97
C LEU B 284 -1.73 38.03 10.04
N PRO B 285 -0.60 38.76 10.13
CA PRO B 285 -0.75 40.21 10.07
C PRO B 285 -1.42 40.69 8.78
N LYS B 286 -1.10 40.05 7.65
CA LYS B 286 -1.73 40.41 6.38
C LYS B 286 -3.23 40.12 6.38
N ILE B 287 -3.59 38.98 6.96
CA ILE B 287 -5.00 38.63 7.14
C ILE B 287 -5.71 39.63 8.04
N ALA B 288 -5.10 39.97 9.16
CA ALA B 288 -5.70 40.88 10.12
C ALA B 288 -5.84 42.29 9.55
N ALA B 289 -4.94 42.66 8.65
CA ALA B 289 -5.02 43.97 8.00
C ALA B 289 -6.25 44.05 7.11
N LEU B 290 -6.74 42.89 6.69
CA LEU B 290 -7.90 42.80 5.82
C LEU B 290 -9.24 42.64 6.56
N THR B 291 -9.21 42.03 7.75
CA THR B 291 -10.46 41.77 8.46
C THR B 291 -10.68 42.77 9.58
N GLY B 292 -9.58 43.32 10.10
CA GLY B 292 -9.67 44.20 11.26
C GLY B 292 -9.64 43.49 12.60
N LEU B 293 -9.64 42.16 12.58
CA LEU B 293 -9.70 41.43 13.84
C LEU B 293 -8.34 41.37 14.53
N PRO B 294 -8.33 41.36 15.88
CA PRO B 294 -7.08 41.18 16.63
C PRO B 294 -6.52 39.77 16.48
N ILE B 295 -5.23 39.61 16.73
CA ILE B 295 -4.57 38.32 16.59
C ILE B 295 -4.18 37.78 17.96
N VAL B 296 -4.53 36.52 18.23
CA VAL B 296 -4.10 35.83 19.43
C VAL B 296 -3.10 34.77 19.01
N THR B 297 -1.92 34.79 19.60
CA THR B 297 -0.88 33.82 19.30
C THR B 297 -0.91 32.64 20.27
N VAL B 298 -0.90 31.42 19.74
CA VAL B 298 -1.01 30.23 20.57
C VAL B 298 0.14 29.27 20.27
N ASP B 299 0.85 28.85 21.31
CA ASP B 299 1.89 27.83 21.16
C ASP B 299 1.32 26.44 21.47
N PHE B 300 1.16 25.64 20.43
CA PHE B 300 0.61 24.29 20.55
C PHE B 300 1.70 23.33 20.97
N PRO B 301 1.31 22.24 21.65
CA PRO B 301 2.31 21.23 22.03
C PRO B 301 2.81 20.50 20.80
N GLY B 302 4.04 19.99 20.86
CA GLY B 302 4.59 19.26 19.74
C GLY B 302 5.34 20.11 18.73
N ASP B 303 5.73 19.49 17.62
CA ASP B 303 6.53 20.17 16.61
C ASP B 303 5.74 21.15 15.78
N GLY B 304 4.42 21.02 15.78
CA GLY B 304 3.58 21.90 15.00
C GLY B 304 3.65 21.53 13.54
N VAL B 305 3.16 22.42 12.69
CA VAL B 305 3.19 22.20 11.25
C VAL B 305 4.25 23.13 10.65
N TYR B 306 5.24 22.58 9.96
CA TYR B 306 6.32 23.41 9.42
C TYR B 306 6.99 22.74 8.23
N TYR B 307 6.50 23.04 7.03
CA TYR B 307 7.07 22.41 5.86
C TYR B 307 7.13 23.27 4.62
N HIS B 308 8.08 22.91 3.76
N HIS B 308 8.13 22.96 3.79
CA HIS B 308 8.19 23.47 2.43
CA HIS B 308 8.30 23.50 2.44
C HIS B 308 8.24 22.26 1.50
C HIS B 308 8.23 22.26 1.53
N THR B 309 7.42 22.29 0.47
CA THR B 309 7.33 21.16 -0.45
C THR B 309 7.74 21.62 -1.85
N SER B 310 8.68 20.89 -2.45
CA SER B 310 9.24 21.26 -3.73
C SER B 310 8.31 20.88 -4.88
N ASN B 311 8.02 21.84 -5.73
CA ASN B 311 7.24 21.59 -6.93
C ASN B 311 8.11 21.78 -8.16
N GLU B 312 9.42 21.64 -7.97
CA GLU B 312 10.38 21.85 -9.05
C GLU B 312 10.22 20.81 -10.17
N ARG B 313 9.93 19.56 -9.80
CA ARG B 313 9.79 18.53 -10.82
C ARG B 313 8.64 18.85 -11.78
N ILE B 314 7.48 19.20 -11.23
CA ILE B 314 6.35 19.49 -12.11
C ILE B 314 6.54 20.78 -12.92
N ARG B 315 7.18 21.78 -12.30
CA ARG B 315 7.52 23.00 -13.01
C ARG B 315 8.42 22.70 -14.21
N ASN B 316 9.46 21.92 -13.97
CA ASN B 316 10.43 21.65 -15.01
C ASN B 316 10.01 20.61 -16.02
N THR B 317 9.22 19.62 -15.58
CA THR B 317 8.81 18.53 -16.45
C THR B 317 7.58 18.85 -17.32
N LEU B 318 6.60 19.52 -16.73
CA LEU B 318 5.34 19.78 -17.43
C LEU B 318 5.12 21.26 -17.75
N GLY B 319 6.03 22.12 -17.31
CA GLY B 319 5.86 23.54 -17.51
C GLY B 319 4.80 24.18 -16.62
N PHE B 320 4.49 23.51 -15.50
CA PHE B 320 3.59 24.09 -14.51
C PHE B 320 4.11 25.42 -13.98
N GLU B 321 3.22 26.40 -13.86
CA GLU B 321 3.52 27.63 -13.12
C GLU B 321 2.27 28.06 -12.38
N ALA B 322 2.38 28.16 -11.06
CA ALA B 322 1.26 28.62 -10.25
C ALA B 322 1.08 30.12 -10.47
N GLU B 323 -0.15 30.58 -10.51
CA GLU B 323 -0.41 32.00 -10.72
C GLU B 323 -1.02 32.64 -9.48
N TRP B 324 -1.63 31.83 -8.63
CA TRP B 324 -2.37 32.37 -7.51
C TRP B 324 -1.56 32.46 -6.22
N THR B 325 -0.73 33.50 -6.15
CA THR B 325 0.03 33.79 -4.94
C THR B 325 -0.92 34.07 -3.81
N MET B 326 -0.44 33.90 -2.58
CA MET B 326 -1.28 34.13 -1.42
C MET B 326 -1.82 35.56 -1.40
N ASP B 327 -1.00 36.52 -1.85
CA ASP B 327 -1.46 37.91 -1.91
C ASP B 327 -2.67 38.06 -2.84
N ARG B 328 -2.64 37.39 -3.99
CA ARG B 328 -3.78 37.42 -4.91
C ARG B 328 -4.99 36.73 -4.29
N MET B 329 -4.75 35.59 -3.64
CA MET B 329 -5.84 34.85 -2.99
C MET B 329 -6.49 35.69 -1.91
N LEU B 330 -5.68 36.33 -1.08
CA LEU B 330 -6.20 37.14 0.02
C LEU B 330 -7.00 38.34 -0.46
N GLU B 331 -6.58 38.95 -1.57
CA GLU B 331 -7.34 40.08 -2.10
C GLU B 331 -8.75 39.62 -2.45
N GLU B 332 -8.84 38.46 -3.09
CA GLU B 332 -10.15 37.92 -3.48
C GLU B 332 -10.95 37.48 -2.27
N ALA B 333 -10.26 36.91 -1.28
CA ALA B 333 -10.92 36.46 -0.05
C ALA B 333 -11.53 37.64 0.67
N ALA B 334 -10.78 38.74 0.70
CA ALA B 334 -11.24 39.95 1.37
C ALA B 334 -12.44 40.54 0.67
N THR B 335 -12.41 40.63 -0.66
CA THR B 335 -13.56 41.16 -1.40
C THR B 335 -14.82 40.36 -1.08
N ALA B 336 -14.67 39.04 -1.06
CA ALA B 336 -15.78 38.16 -0.76
C ALA B 336 -16.28 38.37 0.67
N ARG B 337 -15.35 38.55 1.61
CA ARG B 337 -15.73 38.76 3.00
C ARG B 337 -16.53 40.07 3.13
N ARG B 338 -16.04 41.12 2.49
CA ARG B 338 -16.72 42.43 2.55
C ARG B 338 -18.12 42.40 1.94
N GLN B 339 -18.28 41.64 0.85
CA GLN B 339 -19.61 41.46 0.26
C GLN B 339 -20.52 40.73 1.24
N ARG B 340 -19.98 39.71 1.89
N ARG B 340 -19.97 39.70 1.88
CA ARG B 340 -20.72 38.96 2.90
CA ARG B 340 -20.67 38.96 2.93
C ARG B 340 -21.17 39.87 4.04
C ARG B 340 -21.17 39.89 4.01
N LEU B 341 -20.24 40.66 4.58
CA LEU B 341 -20.55 41.57 5.68
C LEU B 341 -21.46 42.73 5.26
N ALA B 342 -21.35 43.15 4.00
CA ALA B 342 -22.24 44.19 3.49
C ALA B 342 -23.68 43.68 3.46
N LYS B 343 -23.85 42.45 3.00
CA LYS B 343 -25.18 41.83 2.94
C LYS B 343 -25.76 41.61 4.33
N GLU B 344 -24.94 41.10 5.24
CA GLU B 344 -25.39 40.83 6.62
C GLU B 344 -25.79 42.11 7.36
N GLN B 345 -25.14 43.22 7.02
CA GLN B 345 -25.36 44.47 7.72
C GLN B 345 -26.23 45.44 6.91
N ARG B 346 -26.70 44.98 5.75
CA ARG B 346 -27.58 45.75 4.87
C ARG B 346 -26.97 47.04 4.35
N ARG B 347 -25.66 47.00 4.07
CA ARG B 347 -24.93 48.20 3.65
C ARG B 347 -24.80 48.29 2.14
#